data_4EPP
#
_entry.id   4EPP
#
_cell.length_a   112.700
_cell.length_b   112.700
_cell.length_c   88.600
_cell.angle_alpha   90.000
_cell.angle_beta   90.000
_cell.angle_gamma   90.000
#
_symmetry.space_group_name_H-M   'P 41'
#
loop_
_entity.id
_entity.type
_entity.pdbx_description
1 polymer 'Poly(ADP-ribose) glycohydrolase'
2 non-polymer ADENOSINE-5-DIPHOSPHORIBOSE
3 water water
#
_entity_poly.entity_id   1
_entity_poly.type   'polypeptide(L)'
_entity_poly.pdbx_seq_one_letter_code
;MGSSHHHHHHSSGLVPRGSHMIEAEKQENKKIQDYQFPLPQKNSELWIIQKKTLQDLSSGKQKLDSFQSLESILEILRDS
KNQNDEKYFNLKAVFEQLDKEEQTYFLEQFIPKICQLVLKIKKKQLKNQIPKESKIYEAAFSREEISYYVSCMFLCILKD
QDRKIYKDFRLIYLKDLVQQINIRRQEKIKCFYEYLKQALDFSEKESKEVVIFQRINCGQLEDYENWVDKLKAIKLKNVQ
LTDDKLIEDFPGTLQVDFANCDIGGGILGNGLVQEEIRFCVCPEMLVSLLVFDQSMEANEVIIMKGIKQYSDYQGYSNSF
RFVKMGNSKIQKQKRNNPQTILAIDALCFNSSDNQFSEVNVSRELNKSYMGFKQEDQLKTISTGKWGCGAFLGVFDLKFA
IQWIASSRSNKKMIICTFQDEQTTKQIQQVFDLYKQKNASIFLKLVMDYPNSKYMEDYTLLEYLIELGKEKATSKNS
;
_entity_poly.pdbx_strand_id   A,B
#
loop_
_chem_comp.id
_chem_comp.type
_chem_comp.name
_chem_comp.formula
APR non-polymer ADENOSINE-5-DIPHOSPHORIBOSE 'C15 H23 N5 O14 P2'
#
# COMPACT_ATOMS: atom_id res chain seq x y z
N ASP A 34 -11.49 -10.83 17.94
CA ASP A 34 -11.04 -9.45 17.90
C ASP A 34 -10.44 -9.09 16.54
N TYR A 35 -11.09 -8.19 15.82
CA TYR A 35 -10.73 -7.89 14.44
C TYR A 35 -9.83 -6.65 14.33
N GLN A 36 -8.82 -6.72 13.48
CA GLN A 36 -7.96 -5.57 13.24
C GLN A 36 -8.13 -5.13 11.79
N PHE A 37 -8.72 -3.96 11.59
CA PHE A 37 -8.88 -3.48 10.22
C PHE A 37 -7.53 -3.05 9.67
N PRO A 38 -7.12 -3.63 8.54
CA PRO A 38 -5.79 -3.34 7.98
C PRO A 38 -5.69 -1.95 7.35
N LEU A 39 -4.63 -1.22 7.70
CA LEU A 39 -4.28 0.02 7.03
C LEU A 39 -3.29 -0.34 5.92
N PRO A 40 -3.02 0.60 5.00
CA PRO A 40 -2.18 0.24 3.85
C PRO A 40 -0.83 -0.43 4.18
N GLN A 41 -0.17 -0.05 5.27
CA GLN A 41 1.13 -0.66 5.58
C GLN A 41 1.06 -2.14 5.95
N LYS A 42 -0.13 -2.60 6.29
CA LYS A 42 -0.30 -4.00 6.65
C LYS A 42 0.08 -4.91 5.48
N ASN A 43 -0.27 -4.51 4.26
CA ASN A 43 0.12 -5.22 3.06
C ASN A 43 1.47 -4.67 2.60
N SER A 44 2.54 -5.28 3.11
CA SER A 44 3.88 -4.70 2.96
C SER A 44 4.30 -4.55 1.51
N GLU A 45 3.85 -5.47 0.66
CA GLU A 45 4.27 -5.46 -0.74
C GLU A 45 3.59 -4.36 -1.53
N LEU A 46 2.28 -4.27 -1.37
CA LEU A 46 1.50 -3.24 -2.04
C LEU A 46 1.88 -1.86 -1.52
N TRP A 47 2.14 -1.76 -0.22
CA TRP A 47 2.56 -0.49 0.37
C TRP A 47 3.84 0.03 -0.28
N ILE A 48 4.76 -0.86 -0.59
CA ILE A 48 6.02 -0.42 -1.22
C ILE A 48 5.71 0.30 -2.54
N ILE A 49 4.73 -0.22 -3.26
CA ILE A 49 4.31 0.40 -4.52
C ILE A 49 3.55 1.71 -4.26
N GLN A 50 2.60 1.66 -3.34
CA GLN A 50 1.79 2.85 -3.05
C GLN A 50 2.62 4.01 -2.53
N LYS A 51 3.56 3.70 -1.64
CA LYS A 51 4.35 4.71 -0.96
C LYS A 51 5.11 5.55 -1.95
N LYS A 52 5.68 4.90 -2.97
CA LYS A 52 6.50 5.58 -3.97
C LYS A 52 5.63 6.54 -4.79
N THR A 53 4.44 6.09 -5.16
CA THR A 53 3.53 6.96 -5.91
C THR A 53 3.14 8.17 -5.07
N LEU A 54 2.74 7.91 -3.82
CA LEU A 54 2.40 8.96 -2.87
C LEU A 54 3.54 9.96 -2.70
N GLN A 55 4.77 9.45 -2.56
CA GLN A 55 5.93 10.31 -2.43
C GLN A 55 6.17 11.15 -3.67
N ASP A 56 6.07 10.53 -4.85
CA ASP A 56 6.27 11.24 -6.12
C ASP A 56 5.31 12.41 -6.22
N LEU A 57 4.04 12.16 -5.91
CA LEU A 57 3.03 13.21 -5.97
C LEU A 57 3.28 14.28 -4.93
N SER A 58 3.49 13.85 -3.69
CA SER A 58 3.67 14.78 -2.58
C SER A 58 4.84 15.73 -2.83
N SER A 59 5.96 15.19 -3.27
CA SER A 59 7.18 15.97 -3.47
C SER A 59 7.15 16.83 -4.72
N GLY A 60 6.18 16.58 -5.59
CA GLY A 60 6.13 17.25 -6.88
C GLY A 60 6.98 16.59 -7.95
N LYS A 61 7.68 15.51 -7.58
CA LYS A 61 8.47 14.75 -8.54
C LYS A 61 7.60 14.37 -9.74
N GLN A 62 6.38 13.91 -9.47
CA GLN A 62 5.38 13.69 -10.51
C GLN A 62 4.27 14.74 -10.36
N LYS A 63 3.87 15.37 -11.46
CA LYS A 63 2.83 16.40 -11.40
C LYS A 63 1.66 16.02 -12.30
N LEU A 64 0.45 16.02 -11.74
CA LEU A 64 -0.75 15.65 -12.50
C LEU A 64 -1.15 16.77 -13.44
N ASP A 65 -1.31 16.46 -14.72
CA ASP A 65 -1.61 17.51 -15.69
C ASP A 65 -3.06 17.45 -16.19
N SER A 66 -3.79 16.45 -15.73
CA SER A 66 -5.17 16.26 -16.16
C SER A 66 -5.87 15.34 -15.19
N PHE A 67 -7.19 15.32 -15.24
CA PHE A 67 -7.94 14.41 -14.40
C PHE A 67 -7.65 12.97 -14.81
N GLN A 68 -7.37 12.77 -16.10
CA GLN A 68 -7.03 11.43 -16.58
C GLN A 68 -5.74 10.92 -15.93
N SER A 69 -4.78 11.80 -15.69
CA SER A 69 -3.57 11.37 -15.00
C SER A 69 -3.88 10.99 -13.55
N LEU A 70 -4.85 11.66 -12.94
CA LEU A 70 -5.29 11.29 -11.60
C LEU A 70 -5.93 9.90 -11.58
N GLU A 71 -6.76 9.59 -12.57
CA GLU A 71 -7.33 8.26 -12.67
C GLU A 71 -6.22 7.20 -12.65
N SER A 72 -5.14 7.45 -13.41
CA SER A 72 -4.05 6.49 -13.51
C SER A 72 -3.41 6.25 -12.15
N ILE A 73 -3.18 7.34 -11.41
CA ILE A 73 -2.74 7.27 -10.02
C ILE A 73 -3.64 6.40 -9.14
N LEU A 74 -4.94 6.67 -9.16
CA LEU A 74 -5.89 5.91 -8.34
C LEU A 74 -5.84 4.42 -8.68
N GLU A 75 -5.70 4.12 -9.96
CA GLU A 75 -5.60 2.74 -10.42
C GLU A 75 -4.36 2.04 -9.86
N ILE A 76 -3.23 2.76 -9.82
CA ILE A 76 -2.00 2.23 -9.24
C ILE A 76 -2.19 1.93 -7.75
N LEU A 77 -2.81 2.88 -7.05
CA LEU A 77 -3.03 2.80 -5.61
C LEU A 77 -4.02 1.69 -5.25
N ARG A 78 -4.93 1.41 -6.17
CA ARG A 78 -5.89 0.33 -6.01
C ARG A 78 -5.37 -1.03 -6.46
N ASP A 79 -4.17 -1.05 -7.06
CA ASP A 79 -3.62 -2.28 -7.59
C ASP A 79 -4.53 -2.82 -8.69
N SER A 80 -5.05 -1.90 -9.50
CA SER A 80 -5.91 -2.27 -10.62
C SER A 80 -5.15 -2.13 -11.94
N LYS A 81 -5.38 -3.05 -12.86
CA LYS A 81 -4.71 -2.99 -14.16
C LYS A 81 -5.69 -2.66 -15.27
N ASN A 82 -6.97 -2.83 -14.97
CA ASN A 82 -8.02 -2.59 -15.96
C ASN A 82 -9.12 -1.69 -15.42
N GLN A 83 -9.55 -0.73 -16.23
CA GLN A 83 -10.64 0.15 -15.86
C GLN A 83 -11.44 0.58 -17.07
N ASN A 84 -12.61 1.14 -16.82
CA ASN A 84 -13.34 1.84 -17.88
C ASN A 84 -13.58 3.27 -17.42
N ASP A 85 -14.25 4.07 -18.25
CA ASP A 85 -14.38 5.49 -17.91
C ASP A 85 -15.62 5.80 -17.09
N GLU A 86 -16.16 4.77 -16.44
CA GLU A 86 -17.27 4.95 -15.51
C GLU A 86 -16.77 4.74 -14.08
N LYS A 87 -15.54 4.26 -13.95
CA LYS A 87 -14.97 3.94 -12.64
C LYS A 87 -14.83 5.17 -11.72
N TYR A 88 -14.55 6.33 -12.32
CA TYR A 88 -14.34 7.55 -11.56
C TYR A 88 -15.31 8.64 -11.97
N PHE A 89 -16.35 8.23 -12.67
CA PHE A 89 -17.37 9.14 -13.17
C PHE A 89 -17.83 10.24 -12.20
N ASN A 90 -18.16 9.89 -10.96
CA ASN A 90 -18.71 10.91 -10.07
C ASN A 90 -17.66 11.87 -9.51
N LEU A 91 -16.43 11.39 -9.34
CA LEU A 91 -15.33 12.25 -8.94
C LEU A 91 -15.04 13.24 -10.07
N LYS A 92 -14.99 12.74 -11.29
CA LYS A 92 -14.80 13.60 -12.46
C LYS A 92 -15.92 14.64 -12.57
N ALA A 93 -17.15 14.25 -12.31
CA ALA A 93 -18.27 15.19 -12.39
C ALA A 93 -18.10 16.34 -11.38
N VAL A 94 -17.60 16.00 -10.21
CA VAL A 94 -17.32 17.02 -9.20
C VAL A 94 -16.14 17.89 -9.64
N PHE A 95 -15.08 17.25 -10.12
CA PHE A 95 -13.92 17.97 -10.61
C PHE A 95 -14.34 18.96 -11.72
N GLU A 96 -15.20 18.50 -12.61
CA GLU A 96 -15.59 19.34 -13.74
C GLU A 96 -16.50 20.50 -13.35
N GLN A 97 -17.08 20.45 -12.16
CA GLN A 97 -17.85 21.59 -11.65
C GLN A 97 -16.99 22.67 -11.01
N LEU A 98 -15.73 22.35 -10.75
CA LEU A 98 -14.80 23.34 -10.19
C LEU A 98 -14.41 24.34 -11.25
N ASP A 99 -14.13 25.58 -10.87
CA ASP A 99 -13.63 26.51 -11.86
C ASP A 99 -12.17 26.19 -12.24
N LYS A 100 -11.72 26.79 -13.32
CA LYS A 100 -10.38 26.56 -13.85
C LYS A 100 -9.33 26.55 -12.75
N GLU A 101 -9.38 27.58 -11.91
CA GLU A 101 -8.35 27.79 -10.90
C GLU A 101 -8.36 26.70 -9.82
N GLU A 102 -9.56 26.31 -9.38
CA GLU A 102 -9.64 25.23 -8.41
C GLU A 102 -9.30 23.87 -9.04
N GLN A 103 -9.63 23.70 -10.31
CA GLN A 103 -9.24 22.47 -10.99
C GLN A 103 -7.72 22.29 -10.94
N THR A 104 -6.99 23.37 -11.21
CA THR A 104 -5.54 23.34 -11.16
C THR A 104 -5.05 23.10 -9.74
N TYR A 105 -5.67 23.79 -8.78
CA TYR A 105 -5.38 23.58 -7.37
C TYR A 105 -5.61 22.11 -6.97
N PHE A 106 -6.69 21.53 -7.48
CA PHE A 106 -7.05 20.18 -7.13
C PHE A 106 -5.98 19.18 -7.56
N LEU A 107 -5.51 19.33 -8.79
CA LEU A 107 -4.52 18.42 -9.34
C LEU A 107 -3.10 18.70 -8.82
N GLU A 108 -2.75 19.98 -8.66
CA GLU A 108 -1.37 20.34 -8.34
C GLU A 108 -1.08 20.50 -6.86
N GLN A 109 -2.12 20.72 -6.06
CA GLN A 109 -1.92 20.97 -4.63
C GLN A 109 -2.67 20.00 -3.71
N PHE A 110 -3.99 19.89 -3.91
CA PHE A 110 -4.82 19.11 -3.00
C PHE A 110 -4.39 17.65 -2.99
N ILE A 111 -4.33 17.03 -4.16
CA ILE A 111 -3.97 15.63 -4.25
C ILE A 111 -2.58 15.37 -3.66
N PRO A 112 -1.57 16.15 -4.10
CA PRO A 112 -0.26 16.01 -3.45
C PRO A 112 -0.33 16.16 -1.94
N LYS A 113 -1.10 17.12 -1.45
CA LYS A 113 -1.15 17.38 -0.01
C LYS A 113 -1.85 16.28 0.79
N ILE A 114 -2.90 15.67 0.24
CA ILE A 114 -3.51 14.55 0.96
C ILE A 114 -2.68 13.27 0.83
N CYS A 115 -1.89 13.17 -0.24
CA CYS A 115 -0.90 12.09 -0.31
C CYS A 115 0.09 12.23 0.83
N GLN A 116 0.51 13.46 1.09
CA GLN A 116 1.41 13.70 2.22
C GLN A 116 0.75 13.34 3.56
N LEU A 117 -0.56 13.60 3.68
CA LEU A 117 -1.25 13.17 4.90
C LEU A 117 -1.20 11.65 5.08
N VAL A 118 -1.45 10.91 4.01
CA VAL A 118 -1.39 9.46 4.08
C VAL A 118 0.01 8.99 4.50
N LEU A 119 1.03 9.67 3.99
CA LEU A 119 2.42 9.37 4.34
C LEU A 119 2.76 9.62 5.82
N LYS A 120 1.89 10.31 6.56
CA LYS A 120 2.12 10.51 7.98
C LYS A 120 1.56 9.39 8.87
N ILE A 121 0.78 8.48 8.28
CA ILE A 121 0.22 7.38 9.04
C ILE A 121 1.33 6.46 9.58
N LYS A 122 1.26 6.12 10.85
CA LYS A 122 2.26 5.23 11.46
C LYS A 122 1.71 3.84 11.78
N LYS A 123 0.42 3.76 12.07
CA LYS A 123 -0.22 2.49 12.42
C LYS A 123 -0.38 1.59 11.21
N LYS A 124 -0.38 0.28 11.45
CA LYS A 124 -0.57 -0.67 10.37
C LYS A 124 -1.98 -1.28 10.38
N GLN A 125 -2.69 -1.12 11.49
CA GLN A 125 -4.06 -1.60 11.59
C GLN A 125 -4.81 -0.86 12.71
N LEU A 126 -6.13 -1.00 12.73
CA LEU A 126 -6.95 -0.37 13.76
C LEU A 126 -7.81 -1.43 14.43
N LYS A 127 -7.75 -1.46 15.76
CA LYS A 127 -8.45 -2.48 16.54
C LYS A 127 -9.97 -2.26 16.53
N ASN A 128 -10.71 -3.32 16.24
CA ASN A 128 -12.17 -3.30 16.33
C ASN A 128 -12.59 -4.23 17.44
N GLN A 129 -12.77 -3.69 18.63
CA GLN A 129 -12.99 -4.49 19.82
C GLN A 129 -14.44 -4.41 20.28
N ILE A 130 -14.97 -5.56 20.65
CA ILE A 130 -16.29 -5.65 21.24
C ILE A 130 -16.11 -5.69 22.75
N PRO A 131 -16.61 -4.66 23.45
CA PRO A 131 -16.38 -4.60 24.89
C PRO A 131 -17.16 -5.66 25.64
N LYS A 132 -16.63 -6.07 26.78
CA LYS A 132 -17.31 -6.97 27.70
C LYS A 132 -18.50 -6.27 28.33
N GLU A 133 -19.34 -7.05 29.01
CA GLU A 133 -20.51 -6.51 29.68
C GLU A 133 -20.17 -5.31 30.56
N SER A 134 -20.94 -4.23 30.39
CA SER A 134 -20.80 -3.00 31.18
C SER A 134 -19.45 -2.32 30.99
N LYS A 135 -18.77 -2.67 29.91
CA LYS A 135 -17.48 -2.05 29.59
C LYS A 135 -17.58 -1.21 28.34
N ILE A 136 -16.52 -0.45 28.09
CA ILE A 136 -16.47 0.42 26.93
C ILE A 136 -15.21 0.14 26.13
N TYR A 137 -15.34 0.13 24.82
CA TYR A 137 -14.17 0.18 23.98
C TYR A 137 -14.02 1.60 23.44
N GLU A 138 -12.95 2.26 23.83
CA GLU A 138 -12.69 3.63 23.39
C GLU A 138 -11.55 3.71 22.37
N ALA A 139 -11.79 4.43 21.28
CA ALA A 139 -10.75 4.65 20.28
C ALA A 139 -10.57 6.15 20.10
N ALA A 140 -9.40 6.64 20.49
CA ALA A 140 -9.12 8.08 20.51
C ALA A 140 -8.08 8.46 19.45
N PHE A 141 -8.30 9.60 18.81
CA PHE A 141 -7.49 10.05 17.68
C PHE A 141 -7.29 11.56 17.76
N SER A 142 -6.17 12.04 17.25
CA SER A 142 -6.00 13.47 17.10
C SER A 142 -6.84 13.89 15.90
N ARG A 143 -7.19 15.16 15.84
CA ARG A 143 -8.02 15.65 14.76
C ARG A 143 -7.28 15.50 13.43
N GLU A 144 -5.96 15.71 13.44
CA GLU A 144 -5.21 15.51 12.20
C GLU A 144 -5.11 14.03 11.79
N GLU A 145 -4.90 13.13 12.75
CA GLU A 145 -4.90 11.70 12.42
C GLU A 145 -6.20 11.28 11.72
N ILE A 146 -7.33 11.83 12.13
CA ILE A 146 -8.58 11.50 11.46
C ILE A 146 -8.49 11.85 9.98
N SER A 147 -7.92 13.01 9.69
CA SER A 147 -7.81 13.45 8.30
C SER A 147 -6.88 12.54 7.48
N TYR A 148 -5.89 11.90 8.13
CA TYR A 148 -5.06 10.93 7.41
C TYR A 148 -5.92 9.79 6.88
N TYR A 149 -6.84 9.31 7.72
CA TYR A 149 -7.65 8.15 7.33
C TYR A 149 -8.70 8.55 6.29
N VAL A 150 -9.30 9.72 6.45
CA VAL A 150 -10.25 10.15 5.41
C VAL A 150 -9.52 10.37 4.08
N SER A 151 -8.27 10.81 4.13
CA SER A 151 -7.45 10.89 2.92
C SER A 151 -7.30 9.52 2.28
N CYS A 152 -7.10 8.49 3.09
CA CYS A 152 -7.02 7.12 2.61
C CYS A 152 -8.30 6.72 1.90
N MET A 153 -9.43 7.15 2.45
CA MET A 153 -10.72 6.86 1.84
C MET A 153 -10.84 7.57 0.50
N PHE A 154 -10.36 8.80 0.47
CA PHE A 154 -10.46 9.61 -0.73
C PHE A 154 -9.61 9.01 -1.85
N LEU A 155 -8.50 8.36 -1.49
CA LEU A 155 -7.58 7.80 -2.49
C LEU A 155 -7.86 6.32 -2.78
N CYS A 156 -8.90 5.78 -2.15
CA CYS A 156 -9.36 4.42 -2.41
C CYS A 156 -8.36 3.35 -2.00
N ILE A 157 -7.74 3.50 -0.84
CA ILE A 157 -6.77 2.50 -0.42
C ILE A 157 -7.11 1.81 0.90
N LEU A 158 -8.37 1.85 1.32
CA LEU A 158 -8.75 1.15 2.55
C LEU A 158 -9.52 -0.12 2.23
N LYS A 159 -8.83 -1.25 2.29
CA LYS A 159 -9.47 -2.52 1.95
C LYS A 159 -8.87 -3.65 2.77
N ASP A 160 -9.75 -4.58 3.15
CA ASP A 160 -9.32 -5.85 3.72
C ASP A 160 -9.49 -6.88 2.61
N GLN A 161 -8.40 -7.29 2.01
CA GLN A 161 -8.48 -8.14 0.83
C GLN A 161 -9.00 -9.53 1.17
N ASP A 162 -8.63 -10.05 2.33
CA ASP A 162 -9.10 -11.37 2.73
C ASP A 162 -10.62 -11.40 2.91
N ARG A 163 -11.16 -10.40 3.59
CA ARG A 163 -12.60 -10.30 3.77
C ARG A 163 -13.33 -9.76 2.54
N LYS A 164 -12.57 -9.25 1.58
CA LYS A 164 -13.16 -8.60 0.41
C LYS A 164 -14.13 -7.50 0.87
N ILE A 165 -13.62 -6.64 1.73
CA ILE A 165 -14.37 -5.50 2.25
C ILE A 165 -13.56 -4.24 1.98
N TYR A 166 -14.24 -3.17 1.57
CA TYR A 166 -13.55 -1.91 1.39
C TYR A 166 -14.24 -0.84 2.24
N LYS A 167 -13.44 0.06 2.81
CA LYS A 167 -14.01 1.15 3.59
C LYS A 167 -13.50 2.47 3.01
N ASP A 168 -13.69 2.67 1.71
CA ASP A 168 -13.29 3.92 1.09
C ASP A 168 -14.34 4.39 0.08
N PHE A 169 -14.01 5.40 -0.71
CA PHE A 169 -15.00 6.06 -1.57
C PHE A 169 -15.15 5.44 -2.96
N ARG A 170 -14.65 4.23 -3.16
CA ARG A 170 -14.66 3.65 -4.51
C ARG A 170 -16.07 3.53 -5.11
N LEU A 171 -17.06 3.13 -4.30
CA LEU A 171 -18.42 2.97 -4.83
C LEU A 171 -19.01 4.33 -5.14
N ILE A 172 -18.74 5.31 -4.28
CA ILE A 172 -19.21 6.67 -4.47
C ILE A 172 -18.69 7.26 -5.78
N TYR A 173 -17.47 6.89 -6.16
CA TYR A 173 -16.85 7.39 -7.39
C TYR A 173 -17.46 6.75 -8.64
N LEU A 174 -17.92 5.53 -8.50
CA LEU A 174 -18.37 4.71 -9.61
C LEU A 174 -19.69 5.21 -10.18
N LYS A 175 -19.84 5.16 -11.50
CA LYS A 175 -21.11 5.57 -12.12
C LYS A 175 -22.22 4.56 -11.85
N ASP A 176 -23.38 5.06 -11.47
CA ASP A 176 -24.57 4.21 -11.31
C ASP A 176 -25.54 4.39 -12.49
N LEU A 177 -26.44 3.43 -12.69
CA LEU A 177 -27.44 3.54 -13.75
C LEU A 177 -28.41 4.69 -13.51
N VAL A 178 -28.63 5.03 -12.25
CA VAL A 178 -29.69 5.98 -11.92
C VAL A 178 -29.10 7.36 -11.65
N GLN A 179 -29.53 8.33 -12.45
CA GLN A 179 -29.00 9.69 -12.38
C GLN A 179 -29.05 10.26 -10.96
N GLN A 180 -30.17 10.09 -10.27
CA GLN A 180 -30.32 10.63 -8.91
C GLN A 180 -29.26 10.05 -7.96
N ILE A 181 -28.90 8.79 -8.19
CA ILE A 181 -27.90 8.13 -7.36
C ILE A 181 -26.53 8.77 -7.59
N ASN A 182 -26.19 9.05 -8.85
CA ASN A 182 -24.93 9.73 -9.14
C ASN A 182 -24.86 11.13 -8.53
N ILE A 183 -25.97 11.84 -8.55
CA ILE A 183 -26.02 13.14 -7.89
C ILE A 183 -25.78 13.02 -6.38
N ARG A 184 -26.45 12.07 -5.73
CA ARG A 184 -26.18 11.82 -4.32
C ARG A 184 -24.68 11.61 -4.08
N ARG A 185 -24.08 10.72 -4.88
CA ARG A 185 -22.68 10.36 -4.70
C ARG A 185 -21.80 11.58 -4.90
N GLN A 186 -22.13 12.38 -5.92
CA GLN A 186 -21.38 13.62 -6.18
C GLN A 186 -21.44 14.59 -4.99
N GLU A 187 -22.62 14.73 -4.41
CA GLU A 187 -22.77 15.69 -3.30
C GLU A 187 -21.99 15.23 -2.08
N LYS A 188 -21.88 13.91 -1.90
CA LYS A 188 -21.10 13.36 -0.81
C LYS A 188 -19.64 13.72 -1.00
N ILE A 189 -19.15 13.53 -2.22
CA ILE A 189 -17.78 13.88 -2.58
C ILE A 189 -17.50 15.36 -2.28
N LYS A 190 -18.42 16.25 -2.67
CA LYS A 190 -18.26 17.66 -2.35
C LYS A 190 -18.06 17.92 -0.86
N CYS A 191 -18.86 17.28 -0.01
CA CYS A 191 -18.71 17.42 1.44
C CYS A 191 -17.37 16.91 1.94
N PHE A 192 -16.95 15.76 1.44
CA PHE A 192 -15.69 15.16 1.91
C PHE A 192 -14.52 16.02 1.44
N TYR A 193 -14.60 16.49 0.20
CA TYR A 193 -13.58 17.36 -0.37
C TYR A 193 -13.47 18.64 0.46
N GLU A 194 -14.59 19.25 0.79
CA GLU A 194 -14.57 20.46 1.62
C GLU A 194 -13.90 20.19 2.96
N TYR A 195 -14.29 19.08 3.59
CA TYR A 195 -13.67 18.71 4.85
C TYR A 195 -12.15 18.58 4.71
N LEU A 196 -11.69 17.86 3.69
CA LEU A 196 -10.24 17.67 3.53
C LEU A 196 -9.49 18.99 3.28
N LYS A 197 -10.10 19.89 2.52
CA LYS A 197 -9.47 21.21 2.34
C LYS A 197 -9.32 21.92 3.68
N GLN A 198 -10.32 21.77 4.54
CA GLN A 198 -10.25 22.42 5.85
C GLN A 198 -9.15 21.77 6.69
N ALA A 199 -9.13 20.44 6.69
CA ALA A 199 -8.12 19.70 7.44
C ALA A 199 -6.68 20.04 7.03
N LEU A 200 -6.48 20.30 5.74
CA LEU A 200 -5.16 20.71 5.27
C LEU A 200 -4.73 22.05 5.88
N ASP A 201 -5.70 22.84 6.33
CA ASP A 201 -5.41 24.15 6.92
C ASP A 201 -5.50 24.19 8.44
N PHE A 202 -5.58 23.02 9.08
CA PHE A 202 -5.60 22.96 10.55
C PHE A 202 -4.41 23.70 11.14
N SER A 203 -4.66 24.55 12.13
CA SER A 203 -3.58 25.09 12.93
C SER A 203 -2.97 23.97 13.78
N GLU A 204 -1.81 24.23 14.37
CA GLU A 204 -1.18 23.26 15.25
C GLU A 204 -2.15 22.86 16.36
N LYS A 205 -2.78 23.86 16.95
CA LYS A 205 -3.71 23.64 18.05
C LYS A 205 -4.91 22.77 17.62
N GLU A 206 -5.56 23.12 16.52
CA GLU A 206 -6.71 22.32 16.09
C GLU A 206 -6.30 20.90 15.70
N SER A 207 -5.15 20.76 15.07
CA SER A 207 -4.70 19.45 14.61
C SER A 207 -4.50 18.46 15.77
N LYS A 208 -4.20 19.01 16.95
CA LYS A 208 -3.88 18.16 18.11
C LYS A 208 -5.08 17.85 18.99
N GLU A 209 -6.22 18.46 18.68
CA GLU A 209 -7.41 18.24 19.50
C GLU A 209 -7.82 16.79 19.42
N VAL A 210 -8.52 16.31 20.44
CA VAL A 210 -8.85 14.89 20.51
C VAL A 210 -10.29 14.60 20.08
N VAL A 211 -10.44 13.58 19.23
CA VAL A 211 -11.74 13.04 18.82
C VAL A 211 -11.85 11.62 19.38
N ILE A 212 -12.97 11.34 20.02
CA ILE A 212 -13.18 10.07 20.73
C ILE A 212 -14.36 9.28 20.20
N PHE A 213 -14.13 8.02 19.87
CA PHE A 213 -15.21 7.10 19.55
C PHE A 213 -15.35 6.06 20.66
N GLN A 214 -16.58 5.84 21.12
CA GLN A 214 -16.85 4.86 22.16
C GLN A 214 -17.92 3.88 21.75
N ARG A 215 -17.62 2.59 21.84
CA ARG A 215 -18.62 1.54 21.79
C ARG A 215 -18.91 1.10 23.23
N ILE A 216 -20.13 1.33 23.68
CA ILE A 216 -20.47 1.17 25.08
C ILE A 216 -21.44 0.02 25.28
N ASN A 217 -21.00 -0.99 26.04
CA ASN A 217 -21.91 -2.05 26.49
C ASN A 217 -22.63 -1.60 27.75
N CYS A 218 -23.96 -1.59 27.71
CA CYS A 218 -24.73 -1.00 28.79
C CYS A 218 -25.32 -2.03 29.76
N GLY A 219 -24.83 -3.25 29.71
CA GLY A 219 -25.23 -4.24 30.70
C GLY A 219 -26.57 -4.89 30.40
N GLN A 220 -27.24 -5.35 31.46
CA GLN A 220 -28.43 -6.18 31.32
C GLN A 220 -29.62 -5.43 30.75
N LEU A 221 -30.26 -6.02 29.74
CA LEU A 221 -31.53 -5.50 29.24
C LEU A 221 -32.58 -5.71 30.30
N GLU A 222 -33.52 -4.78 30.41
CA GLU A 222 -34.66 -4.94 31.32
C GLU A 222 -35.91 -5.31 30.53
N ASP A 223 -36.62 -6.34 30.95
CA ASP A 223 -37.84 -6.72 30.25
C ASP A 223 -39.01 -5.79 30.56
N TYR A 224 -40.12 -5.98 29.88
CA TYR A 224 -41.25 -5.05 29.97
C TYR A 224 -41.75 -4.86 31.42
N GLU A 225 -41.97 -5.95 32.13
CA GLU A 225 -42.49 -5.84 33.50
C GLU A 225 -41.48 -5.11 34.40
N ASN A 226 -40.20 -5.35 34.16
CA ASN A 226 -39.15 -4.63 34.88
C ASN A 226 -39.30 -3.14 34.62
N TRP A 227 -39.43 -2.77 33.35
CA TRP A 227 -39.65 -1.38 32.99
C TRP A 227 -40.89 -0.81 33.68
N VAL A 228 -42.00 -1.54 33.62
CA VAL A 228 -43.23 -1.05 34.25
C VAL A 228 -42.97 -0.71 35.73
N ASP A 229 -42.24 -1.60 36.40
CA ASP A 229 -41.92 -1.39 37.81
C ASP A 229 -40.96 -0.21 38.05
N LYS A 230 -39.89 -0.15 37.28
CA LYS A 230 -38.91 0.91 37.43
C LYS A 230 -39.55 2.29 37.23
N LEU A 231 -40.53 2.38 36.34
CA LEU A 231 -41.09 3.68 36.00
C LEU A 231 -42.03 4.24 37.06
N LYS A 232 -42.43 3.41 38.02
CA LYS A 232 -43.30 3.90 39.09
C LYS A 232 -42.66 5.05 39.86
N ALA A 233 -41.34 5.11 39.89
CA ALA A 233 -40.65 6.17 40.61
C ALA A 233 -40.29 7.35 39.72
N ILE A 234 -40.72 7.31 38.47
CA ILE A 234 -40.28 8.31 37.48
C ILE A 234 -41.42 9.22 37.08
N LYS A 235 -41.16 10.52 37.06
CA LYS A 235 -42.11 11.50 36.54
C LYS A 235 -41.66 11.95 35.15
N LEU A 236 -42.63 12.28 34.29
CA LEU A 236 -42.30 12.73 32.94
C LEU A 236 -41.73 14.14 32.97
N LYS A 237 -40.61 14.35 32.27
CA LYS A 237 -39.86 15.60 32.32
C LYS A 237 -40.07 16.51 31.11
N ASN A 238 -39.30 17.59 31.05
CA ASN A 238 -39.56 18.64 30.08
C ASN A 238 -39.28 18.20 28.64
N VAL A 239 -40.12 18.67 27.73
CA VAL A 239 -39.91 18.45 26.30
C VAL A 239 -40.06 19.81 25.61
N GLN A 240 -39.14 20.12 24.72
CA GLN A 240 -39.27 21.32 23.88
C GLN A 240 -39.48 20.89 22.43
N LEU A 241 -40.41 21.53 21.72
CA LEU A 241 -40.70 21.15 20.34
C LEU A 241 -40.13 22.16 19.36
N THR A 242 -39.61 21.68 18.25
CA THR A 242 -39.24 22.58 17.16
C THR A 242 -39.66 21.96 15.84
N ASP A 243 -40.30 22.76 15.00
CA ASP A 243 -40.79 22.27 13.74
C ASP A 243 -39.88 22.68 12.60
N ASP A 244 -39.00 23.65 12.86
CA ASP A 244 -38.23 24.27 11.79
C ASP A 244 -36.73 24.17 11.98
N LYS A 245 -36.30 23.54 13.07
CA LYS A 245 -34.87 23.33 13.29
C LYS A 245 -34.52 21.84 13.34
N LEU A 246 -33.26 21.52 13.10
CA LEU A 246 -32.85 20.14 13.04
C LEU A 246 -31.95 19.82 14.23
N ILE A 247 -31.68 18.53 14.40
CA ILE A 247 -30.98 18.06 15.56
C ILE A 247 -29.64 18.77 15.71
N GLU A 248 -28.92 18.91 14.60
CA GLU A 248 -27.60 19.51 14.65
C GLU A 248 -27.64 21.03 14.89
N ASP A 249 -28.85 21.58 14.98
CA ASP A 249 -28.99 23.01 15.28
C ASP A 249 -28.96 23.33 16.78
N PHE A 250 -28.69 22.32 17.61
CA PHE A 250 -28.77 22.49 19.06
C PHE A 250 -27.47 22.10 19.74
N PRO A 251 -26.46 22.97 19.64
CA PRO A 251 -25.17 22.69 20.28
C PRO A 251 -25.33 22.52 21.79
N GLY A 252 -24.36 21.86 22.40
CA GLY A 252 -24.38 21.63 23.83
C GLY A 252 -25.51 20.74 24.28
N THR A 253 -25.97 19.84 23.40
CA THR A 253 -26.91 18.78 23.78
C THR A 253 -26.29 17.44 23.43
N LEU A 254 -26.89 16.36 23.90
CA LEU A 254 -26.49 15.06 23.40
C LEU A 254 -27.30 14.85 22.12
N GLN A 255 -26.64 14.97 20.98
CA GLN A 255 -27.34 14.91 19.69
C GLN A 255 -27.42 13.48 19.18
N VAL A 256 -28.62 13.08 18.76
CA VAL A 256 -28.85 11.71 18.33
C VAL A 256 -28.62 11.49 16.84
N ASP A 257 -27.87 10.42 16.54
CA ASP A 257 -27.70 9.90 15.20
C ASP A 257 -28.65 8.70 15.06
N PHE A 258 -29.56 8.75 14.08
CA PHE A 258 -30.56 7.69 13.90
C PHE A 258 -29.88 6.56 13.12
N ALA A 259 -29.20 5.70 13.87
CA ALA A 259 -28.18 4.82 13.32
C ALA A 259 -28.73 3.54 12.70
N ASN A 260 -27.95 2.97 11.79
CA ASN A 260 -28.11 1.56 11.45
C ASN A 260 -27.31 0.79 12.50
N CYS A 261 -27.64 -0.48 12.77
CA CYS A 261 -26.83 -1.23 13.73
C CYS A 261 -25.37 -1.35 13.27
N ASP A 262 -25.15 -1.31 11.95
CA ASP A 262 -23.81 -1.07 11.41
C ASP A 262 -23.59 0.43 11.28
N ILE A 263 -22.79 0.98 12.18
CA ILE A 263 -22.60 2.41 12.28
C ILE A 263 -22.30 3.01 10.89
N GLY A 264 -22.97 4.11 10.58
CA GLY A 264 -22.73 4.77 9.30
C GLY A 264 -23.74 4.44 8.23
N GLY A 265 -24.49 3.36 8.42
CA GLY A 265 -25.45 2.93 7.43
C GLY A 265 -24.89 2.90 6.01
N GLY A 266 -25.57 3.59 5.09
CA GLY A 266 -25.19 3.59 3.70
C GLY A 266 -24.23 4.70 3.27
N ILE A 267 -23.46 5.24 4.22
CA ILE A 267 -22.64 6.40 3.92
C ILE A 267 -21.69 6.15 2.73
N LEU A 268 -21.12 4.95 2.62
CA LEU A 268 -20.15 4.68 1.57
C LEU A 268 -20.81 4.22 0.28
N GLY A 269 -22.14 4.27 0.26
CA GLY A 269 -22.89 3.90 -0.91
C GLY A 269 -23.95 4.93 -1.27
N ASN A 270 -25.20 4.51 -1.26
CA ASN A 270 -26.27 5.35 -1.75
C ASN A 270 -27.04 6.09 -0.65
N GLY A 271 -26.84 5.69 0.59
CA GLY A 271 -27.64 6.22 1.68
C GLY A 271 -27.48 7.72 1.86
N LEU A 272 -28.59 8.41 2.08
CA LEU A 272 -28.54 9.86 2.27
C LEU A 272 -29.73 10.33 3.09
N VAL A 273 -30.01 9.65 4.20
CA VAL A 273 -31.01 10.14 5.14
C VAL A 273 -30.29 10.65 6.38
N GLN A 274 -30.92 10.57 7.54
CA GLN A 274 -30.43 11.34 8.70
C GLN A 274 -28.98 11.02 9.08
N GLU A 275 -28.66 9.74 9.24
CA GLU A 275 -27.29 9.35 9.62
C GLU A 275 -26.25 9.71 8.55
N GLU A 276 -26.54 9.37 7.31
CA GLU A 276 -25.57 9.63 6.24
C GLU A 276 -25.31 11.12 6.04
N ILE A 277 -26.36 11.92 6.11
CA ILE A 277 -26.20 13.38 6.02
C ILE A 277 -25.30 13.91 7.15
N ARG A 278 -25.46 13.37 8.36
CA ARG A 278 -24.61 13.81 9.49
C ARG A 278 -23.15 13.46 9.21
N PHE A 279 -22.90 12.25 8.73
CA PHE A 279 -21.54 11.87 8.34
C PHE A 279 -21.00 12.80 7.23
N CYS A 280 -21.87 13.26 6.34
CA CYS A 280 -21.43 14.11 5.24
C CYS A 280 -20.97 15.48 5.72
N VAL A 281 -21.77 16.07 6.61
CA VAL A 281 -21.41 17.39 7.17
C VAL A 281 -20.38 17.29 8.29
N CYS A 282 -20.27 16.10 8.90
CA CYS A 282 -19.23 15.86 9.91
C CYS A 282 -18.38 14.63 9.58
N PRO A 283 -17.51 14.74 8.56
CA PRO A 283 -16.83 13.53 8.05
C PRO A 283 -15.86 12.87 9.02
N GLU A 284 -15.47 13.54 10.10
CA GLU A 284 -14.65 12.86 11.11
C GLU A 284 -15.34 11.59 11.62
N MET A 285 -16.67 11.59 11.57
CA MET A 285 -17.43 10.40 11.94
C MET A 285 -17.08 9.16 11.11
N LEU A 286 -16.53 9.37 9.92
CA LEU A 286 -16.16 8.24 9.05
C LEU A 286 -15.21 7.25 9.71
N VAL A 287 -14.41 7.71 10.65
CA VAL A 287 -13.45 6.82 11.29
C VAL A 287 -14.14 5.77 12.16
N SER A 288 -15.38 6.03 12.55
CA SER A 288 -16.15 5.03 13.29
C SER A 288 -16.29 3.72 12.48
N LEU A 289 -16.25 3.84 11.15
CA LEU A 289 -16.35 2.67 10.26
C LEU A 289 -15.13 1.76 10.42
N LEU A 290 -14.02 2.35 10.86
CA LEU A 290 -12.74 1.65 10.89
C LEU A 290 -12.52 0.93 12.21
N VAL A 291 -13.37 1.21 13.19
CA VAL A 291 -13.17 0.63 14.53
C VAL A 291 -14.41 -0.11 15.07
N PHE A 292 -15.56 0.05 14.42
CA PHE A 292 -16.79 -0.60 14.88
C PHE A 292 -17.35 -1.48 13.77
N ASP A 293 -16.56 -2.45 13.32
CA ASP A 293 -16.97 -3.34 12.24
C ASP A 293 -18.22 -4.15 12.60
N GLN A 294 -18.25 -4.71 13.81
CA GLN A 294 -19.39 -5.53 14.23
C GLN A 294 -20.64 -4.70 14.52
N SER A 295 -21.79 -5.17 14.03
CA SER A 295 -23.08 -4.53 14.32
C SER A 295 -23.25 -4.30 15.81
N MET A 296 -23.89 -3.19 16.17
CA MET A 296 -24.24 -2.93 17.57
C MET A 296 -25.23 -3.97 18.05
N GLU A 297 -24.97 -4.54 19.23
CA GLU A 297 -25.93 -5.42 19.88
C GLU A 297 -27.07 -4.59 20.49
N ALA A 298 -28.12 -5.26 20.93
CA ALA A 298 -29.29 -4.57 21.52
C ALA A 298 -28.97 -3.75 22.77
N ASN A 299 -27.93 -4.16 23.51
CA ASN A 299 -27.55 -3.41 24.71
C ASN A 299 -26.28 -2.56 24.54
N GLU A 300 -25.92 -2.25 23.30
CA GLU A 300 -24.78 -1.37 23.02
C GLU A 300 -25.24 -0.05 22.41
N VAL A 301 -24.46 1.01 22.65
CA VAL A 301 -24.67 2.27 21.97
C VAL A 301 -23.29 2.80 21.59
N ILE A 302 -23.27 3.77 20.68
CA ILE A 302 -22.02 4.39 20.28
C ILE A 302 -22.06 5.88 20.61
N ILE A 303 -20.95 6.38 21.17
CA ILE A 303 -20.82 7.78 21.46
C ILE A 303 -19.63 8.31 20.67
N MET A 304 -19.80 9.49 20.07
CA MET A 304 -18.69 10.14 19.38
C MET A 304 -18.50 11.53 19.97
N LYS A 305 -17.28 11.87 20.35
CA LYS A 305 -17.02 13.15 21.01
C LYS A 305 -15.98 13.94 20.23
N GLY A 306 -16.14 15.25 20.18
CA GLY A 306 -15.16 16.13 19.54
C GLY A 306 -15.46 16.43 18.09
N ILE A 307 -16.70 16.18 17.69
CA ILE A 307 -17.05 16.19 16.29
C ILE A 307 -17.44 17.60 15.85
N LYS A 308 -16.79 18.10 14.79
CA LYS A 308 -17.11 19.43 14.26
C LYS A 308 -17.88 19.30 12.95
N GLN A 309 -18.48 20.39 12.50
CA GLN A 309 -19.26 20.35 11.27
C GLN A 309 -18.57 21.18 10.19
N TYR A 310 -18.30 20.55 9.05
CA TYR A 310 -17.47 21.19 8.04
C TYR A 310 -18.23 21.72 6.82
N SER A 311 -19.40 21.16 6.56
CA SER A 311 -20.22 21.58 5.42
C SER A 311 -21.61 21.98 5.89
N ASP A 312 -22.27 22.83 5.11
CA ASP A 312 -23.69 23.04 5.34
C ASP A 312 -24.41 22.26 4.26
N TYR A 313 -25.74 22.30 4.26
CA TYR A 313 -26.50 21.60 3.24
C TYR A 313 -27.92 22.10 3.18
N GLN A 314 -28.60 21.73 2.10
CA GLN A 314 -30.05 21.93 2.00
C GLN A 314 -30.58 20.62 1.43
N GLY A 315 -31.88 20.40 1.54
CA GLY A 315 -32.47 19.22 0.95
C GLY A 315 -32.23 17.98 1.80
N TYR A 316 -32.59 16.84 1.22
CA TYR A 316 -32.65 15.59 1.95
C TYR A 316 -32.75 14.48 0.91
N SER A 317 -32.02 13.38 1.11
CA SER A 317 -32.01 12.29 0.12
C SER A 317 -31.76 12.80 -1.32
N ASN A 318 -32.66 12.52 -2.27
CA ASN A 318 -32.45 12.97 -3.65
C ASN A 318 -32.20 14.48 -3.79
N SER A 319 -32.80 15.29 -2.93
CA SER A 319 -32.63 16.74 -3.02
C SER A 319 -31.44 17.29 -2.22
N PHE A 320 -30.75 16.41 -1.50
CA PHE A 320 -29.58 16.82 -0.73
C PHE A 320 -28.54 17.51 -1.61
N ARG A 321 -28.05 18.66 -1.16
CA ARG A 321 -26.97 19.38 -1.86
C ARG A 321 -25.98 19.98 -0.87
N PHE A 322 -24.70 19.83 -1.18
CA PHE A 322 -23.64 20.48 -0.42
C PHE A 322 -23.86 22.00 -0.46
N VAL A 323 -23.64 22.66 0.67
CA VAL A 323 -23.60 24.12 0.73
C VAL A 323 -22.38 24.55 1.51
N LYS A 324 -21.50 25.33 0.90
CA LYS A 324 -20.33 25.83 1.60
C LYS A 324 -20.79 26.66 2.79
N MET A 325 -20.20 26.43 3.95
CA MET A 325 -20.53 27.20 5.13
C MET A 325 -20.05 28.64 5.00
N GLY A 326 -20.84 29.58 5.48
CA GLY A 326 -20.46 30.98 5.46
C GLY A 326 -19.73 31.40 6.72
N ASN A 327 -19.76 32.69 7.03
CA ASN A 327 -19.06 33.21 8.21
C ASN A 327 -19.98 33.87 9.23
N SER A 328 -21.26 33.50 9.20
CA SER A 328 -22.18 33.95 10.24
C SER A 328 -21.70 33.37 11.56
N LYS A 329 -22.13 33.95 12.66
CA LYS A 329 -21.73 33.47 13.98
C LYS A 329 -22.14 32.01 14.17
N ILE A 330 -23.36 31.67 13.75
CA ILE A 330 -23.87 30.31 13.87
C ILE A 330 -23.01 29.32 13.07
N GLN A 331 -22.69 29.69 11.83
CA GLN A 331 -21.86 28.85 10.95
C GLN A 331 -20.43 28.70 11.46
N LYS A 332 -19.85 29.78 11.97
CA LYS A 332 -18.52 29.72 12.57
C LYS A 332 -18.53 28.78 13.79
N GLN A 333 -19.58 28.88 14.58
CA GLN A 333 -19.71 28.01 15.74
C GLN A 333 -19.87 26.53 15.35
N LYS A 334 -20.63 26.26 14.29
CA LYS A 334 -20.75 24.89 13.81
C LYS A 334 -19.39 24.32 13.37
N ARG A 335 -18.58 25.15 12.73
CA ARG A 335 -17.24 24.75 12.28
C ARG A 335 -16.25 24.60 13.45
N ASN A 336 -16.40 25.43 14.49
CA ASN A 336 -15.39 25.50 15.53
C ASN A 336 -15.68 24.86 16.88
N ASN A 337 -16.94 24.60 17.18
CA ASN A 337 -17.30 24.07 18.48
C ASN A 337 -17.70 22.59 18.39
N PRO A 338 -16.88 21.71 19.01
CA PRO A 338 -17.11 20.26 18.96
C PRO A 338 -18.38 19.84 19.65
N GLN A 339 -19.02 18.79 19.14
CA GLN A 339 -20.24 18.29 19.75
C GLN A 339 -20.09 16.81 20.03
N THR A 340 -21.00 16.31 20.86
CA THR A 340 -21.03 14.91 21.22
C THR A 340 -22.31 14.28 20.67
N ILE A 341 -22.14 13.15 20.01
CA ILE A 341 -23.22 12.49 19.27
C ILE A 341 -23.47 11.10 19.84
N LEU A 342 -24.74 10.79 20.03
CA LEU A 342 -25.17 9.46 20.46
C LEU A 342 -25.74 8.70 19.26
N ALA A 343 -25.14 7.57 18.90
CA ALA A 343 -25.70 6.77 17.83
C ALA A 343 -26.49 5.59 18.41
N ILE A 344 -27.79 5.60 18.15
CA ILE A 344 -28.65 4.50 18.57
C ILE A 344 -29.47 4.03 17.39
N ASP A 345 -29.48 2.73 17.18
CA ASP A 345 -30.22 2.12 16.09
C ASP A 345 -31.60 1.68 16.55
N ALA A 346 -32.63 2.27 15.96
CA ALA A 346 -34.00 1.83 16.23
C ALA A 346 -34.25 0.51 15.49
N LEU A 347 -35.32 -0.18 15.87
CA LEU A 347 -35.75 -1.38 15.16
C LEU A 347 -36.05 -1.04 13.71
N CYS A 348 -35.66 -1.90 12.77
CA CYS A 348 -36.08 -1.73 11.38
C CYS A 348 -37.36 -2.54 11.18
N PHE A 349 -38.50 -1.86 11.14
CA PHE A 349 -39.79 -2.54 11.06
C PHE A 349 -40.20 -2.77 9.61
N ASN A 350 -41.00 -3.81 9.38
CA ASN A 350 -41.78 -3.86 8.15
C ASN A 350 -43.21 -3.50 8.51
N SER A 351 -44.05 -3.32 7.50
CA SER A 351 -45.39 -2.76 7.70
C SER A 351 -46.36 -3.64 8.51
N SER A 352 -46.06 -4.92 8.66
CA SER A 352 -46.98 -5.79 9.39
C SER A 352 -46.53 -6.03 10.83
N ASP A 353 -45.32 -5.60 11.18
CA ASP A 353 -44.79 -5.77 12.55
C ASP A 353 -45.65 -5.04 13.57
N ASN A 354 -45.92 -5.68 14.70
CA ASN A 354 -46.64 -5.01 15.79
C ASN A 354 -45.67 -4.21 16.64
N GLN A 355 -45.65 -2.89 16.42
CA GLN A 355 -44.67 -2.03 17.08
C GLN A 355 -44.99 -1.86 18.56
N PHE A 356 -46.24 -2.13 18.92
CA PHE A 356 -46.69 -1.96 20.30
C PHE A 356 -46.54 -3.24 21.13
N SER A 357 -45.85 -4.25 20.62
CA SER A 357 -45.69 -5.47 21.41
C SER A 357 -44.83 -5.17 22.64
N GLU A 358 -45.02 -5.95 23.71
CA GLU A 358 -44.19 -5.75 24.90
C GLU A 358 -42.72 -5.94 24.57
N VAL A 359 -42.45 -6.93 23.73
CA VAL A 359 -41.08 -7.22 23.28
C VAL A 359 -40.48 -6.04 22.51
N ASN A 360 -41.23 -5.47 21.57
CA ASN A 360 -40.69 -4.40 20.73
C ASN A 360 -40.61 -3.05 21.46
N VAL A 361 -41.54 -2.81 22.38
CA VAL A 361 -41.51 -1.59 23.18
C VAL A 361 -40.37 -1.63 24.20
N SER A 362 -40.19 -2.77 24.85
CA SER A 362 -39.08 -2.88 25.78
C SER A 362 -37.74 -2.80 25.06
N ARG A 363 -37.66 -3.31 23.84
CA ARG A 363 -36.42 -3.23 23.08
C ARG A 363 -36.01 -1.77 22.92
N GLU A 364 -36.97 -0.95 22.50
CA GLU A 364 -36.73 0.47 22.19
C GLU A 364 -36.55 1.32 23.45
N LEU A 365 -37.27 0.97 24.53
CA LEU A 365 -37.03 1.60 25.82
C LEU A 365 -35.59 1.34 26.26
N ASN A 366 -35.14 0.08 26.18
CA ASN A 366 -33.76 -0.24 26.53
C ASN A 366 -32.77 0.53 25.67
N LYS A 367 -32.91 0.43 24.36
CA LYS A 367 -31.98 1.09 23.45
C LYS A 367 -31.91 2.60 23.71
N SER A 368 -33.07 3.26 23.79
CA SER A 368 -33.07 4.72 23.97
C SER A 368 -32.56 5.14 25.36
N TYR A 369 -33.01 4.46 26.41
CA TYR A 369 -32.57 4.77 27.76
C TYR A 369 -31.07 4.53 27.96
N MET A 370 -30.57 3.40 27.47
CA MET A 370 -29.15 3.08 27.59
C MET A 370 -28.30 4.13 26.88
N GLY A 371 -28.82 4.67 25.79
CA GLY A 371 -28.14 5.74 25.10
C GLY A 371 -28.27 7.08 25.80
N PHE A 372 -29.51 7.47 26.13
CA PHE A 372 -29.79 8.78 26.71
C PHE A 372 -29.09 9.01 28.06
N LYS A 373 -28.90 7.94 28.82
CA LYS A 373 -28.29 8.07 30.14
C LYS A 373 -26.77 8.26 30.08
N GLN A 374 -26.20 8.12 28.89
CA GLN A 374 -24.76 8.35 28.74
C GLN A 374 -24.49 9.84 28.85
N GLU A 375 -23.22 10.18 29.06
CA GLU A 375 -22.80 11.58 29.15
C GLU A 375 -23.74 12.40 30.02
N ASP A 376 -23.78 12.11 31.32
CA ASP A 376 -24.78 12.72 32.18
C ASP A 376 -24.61 14.22 32.42
N GLN A 377 -23.55 14.80 31.89
CA GLN A 377 -23.34 16.25 31.99
C GLN A 377 -24.07 17.00 30.89
N LEU A 378 -24.54 16.27 29.89
CA LEU A 378 -25.38 16.83 28.84
C LEU A 378 -26.83 16.55 29.19
N LYS A 379 -27.47 17.50 29.88
CA LYS A 379 -28.77 17.27 30.51
C LYS A 379 -29.94 17.39 29.54
N THR A 380 -29.64 17.72 28.28
CA THR A 380 -30.66 17.81 27.24
C THR A 380 -30.33 16.92 26.05
N ILE A 381 -31.31 16.13 25.61
CA ILE A 381 -31.20 15.29 24.43
C ILE A 381 -31.78 16.02 23.22
N SER A 382 -31.05 16.02 22.11
CA SER A 382 -31.61 16.57 20.86
C SER A 382 -31.97 15.42 19.93
N THR A 383 -33.27 15.18 19.75
CA THR A 383 -33.68 14.06 18.95
C THR A 383 -34.91 14.39 18.09
N GLY A 384 -35.59 13.37 17.62
CA GLY A 384 -36.73 13.58 16.74
C GLY A 384 -37.36 12.28 16.31
N LYS A 385 -37.60 12.14 15.01
CA LYS A 385 -38.36 11.01 14.47
C LYS A 385 -37.49 9.76 14.31
N TRP A 386 -36.75 9.46 15.38
CA TRP A 386 -35.91 8.28 15.48
C TRP A 386 -36.64 7.01 15.03
N GLY A 387 -36.07 6.32 14.04
CA GLY A 387 -36.62 5.07 13.53
C GLY A 387 -37.90 5.22 12.75
N CYS A 388 -38.27 6.46 12.43
CA CYS A 388 -39.61 6.70 11.89
C CYS A 388 -39.59 7.19 10.45
N GLY A 389 -38.47 6.94 9.77
CA GLY A 389 -38.34 7.22 8.36
C GLY A 389 -38.08 5.94 7.60
N ALA A 390 -36.80 5.68 7.32
CA ALA A 390 -36.43 4.45 6.64
C ALA A 390 -36.81 3.18 7.42
N PHE A 391 -36.85 3.27 8.75
CA PHE A 391 -37.17 2.11 9.57
C PHE A 391 -38.66 1.94 9.87
N LEU A 392 -39.49 2.79 9.26
CA LEU A 392 -40.94 2.62 9.24
C LEU A 392 -41.64 2.69 10.60
N GLY A 393 -40.98 3.26 11.59
CA GLY A 393 -41.57 3.36 12.91
C GLY A 393 -42.72 4.35 12.94
N VAL A 394 -43.68 4.10 13.83
CA VAL A 394 -44.78 5.03 14.09
C VAL A 394 -44.30 6.07 15.08
N PHE A 395 -44.21 7.33 14.65
CA PHE A 395 -43.66 8.37 15.52
C PHE A 395 -44.46 8.65 16.81
N ASP A 396 -45.78 8.53 16.79
CA ASP A 396 -46.55 8.71 18.03
C ASP A 396 -45.93 7.85 19.14
N LEU A 397 -45.63 6.60 18.80
CA LEU A 397 -45.12 5.65 19.79
C LEU A 397 -43.65 5.94 20.10
N LYS A 398 -42.86 6.23 19.08
CA LYS A 398 -41.46 6.54 19.30
C LYS A 398 -41.25 7.82 20.10
N PHE A 399 -42.14 8.80 19.94
CA PHE A 399 -42.09 9.93 20.86
C PHE A 399 -42.34 9.48 22.31
N ALA A 400 -43.38 8.69 22.53
CA ALA A 400 -43.68 8.23 23.90
C ALA A 400 -42.49 7.49 24.51
N ILE A 401 -41.90 6.59 23.75
CA ILE A 401 -40.81 5.77 24.25
C ILE A 401 -39.61 6.65 24.61
N GLN A 402 -39.25 7.54 23.70
CA GLN A 402 -38.14 8.47 23.96
C GLN A 402 -38.40 9.36 25.18
N TRP A 403 -39.65 9.78 25.38
CA TRP A 403 -40.01 10.64 26.52
C TRP A 403 -39.87 9.90 27.85
N ILE A 404 -40.34 8.67 27.87
CA ILE A 404 -40.13 7.81 29.01
C ILE A 404 -38.62 7.63 29.27
N ALA A 405 -37.85 7.44 28.21
CA ALA A 405 -36.42 7.20 28.38
C ALA A 405 -35.69 8.44 28.87
N SER A 406 -36.00 9.60 28.29
CA SER A 406 -35.33 10.84 28.69
C SER A 406 -35.73 11.19 30.13
N SER A 407 -36.99 10.92 30.46
CA SER A 407 -37.50 11.12 31.80
C SER A 407 -36.78 10.24 32.84
N ARG A 408 -36.64 8.95 32.55
CA ARG A 408 -35.93 8.05 33.48
C ARG A 408 -34.44 8.43 33.65
N SER A 409 -33.84 8.94 32.58
CA SER A 409 -32.46 9.43 32.61
C SER A 409 -32.35 10.79 33.31
N ASN A 410 -33.48 11.34 33.73
CA ASN A 410 -33.53 12.68 34.34
C ASN A 410 -32.97 13.77 33.40
N LYS A 411 -33.29 13.67 32.12
CA LYS A 411 -32.88 14.70 31.16
C LYS A 411 -34.07 15.35 30.46
N LYS A 412 -33.85 16.54 29.92
CA LYS A 412 -34.85 17.18 29.07
C LYS A 412 -34.68 16.76 27.62
N MET A 413 -35.73 16.95 26.82
CA MET A 413 -35.68 16.47 25.45
C MET A 413 -36.16 17.56 24.48
N ILE A 414 -35.38 17.77 23.42
CA ILE A 414 -35.81 18.63 22.32
C ILE A 414 -36.24 17.71 21.19
N ILE A 415 -37.48 17.87 20.76
CA ILE A 415 -38.04 17.05 19.70
C ILE A 415 -38.18 17.85 18.41
N CYS A 416 -37.43 17.44 17.39
CA CYS A 416 -37.57 18.01 16.06
C CYS A 416 -38.66 17.27 15.29
N THR A 417 -39.64 17.99 14.77
CA THR A 417 -40.74 17.33 14.07
C THR A 417 -40.56 17.35 12.53
N PHE A 418 -39.55 18.09 12.07
CA PHE A 418 -39.17 18.04 10.66
C PHE A 418 -40.32 18.55 9.77
N GLN A 419 -40.80 19.76 10.06
CA GLN A 419 -41.84 20.43 9.29
C GLN A 419 -43.10 19.59 9.22
N ASP A 420 -43.55 19.11 10.37
CA ASP A 420 -44.78 18.34 10.48
C ASP A 420 -45.70 19.06 11.48
N GLU A 421 -46.39 20.09 11.02
CA GLU A 421 -47.15 20.97 11.94
C GLU A 421 -48.19 20.22 12.76
N GLN A 422 -48.91 19.32 12.10
CA GLN A 422 -49.95 18.54 12.76
C GLN A 422 -49.37 17.74 13.94
N THR A 423 -48.26 17.05 13.70
CA THR A 423 -47.62 16.29 14.77
C THR A 423 -47.11 17.22 15.87
N THR A 424 -46.53 18.36 15.47
CA THR A 424 -46.08 19.33 16.46
C THR A 424 -47.20 19.73 17.42
N LYS A 425 -48.37 20.08 16.89
CA LYS A 425 -49.51 20.44 17.74
C LYS A 425 -50.00 19.31 18.63
N GLN A 426 -50.04 18.09 18.09
CA GLN A 426 -50.48 16.95 18.88
C GLN A 426 -49.51 16.67 20.04
N ILE A 427 -48.21 16.68 19.76
CA ILE A 427 -47.22 16.42 20.80
C ILE A 427 -47.24 17.50 21.88
N GLN A 428 -47.37 18.76 21.45
CA GLN A 428 -47.48 19.85 22.40
C GLN A 428 -48.64 19.63 23.37
N GLN A 429 -49.77 19.17 22.86
CA GLN A 429 -50.93 18.97 23.74
C GLN A 429 -50.73 17.80 24.67
N VAL A 430 -50.17 16.72 24.16
CA VAL A 430 -49.85 15.55 24.98
C VAL A 430 -48.85 15.95 26.08
N PHE A 431 -47.82 16.70 25.71
CA PHE A 431 -46.85 17.15 26.71
C PHE A 431 -47.55 17.93 27.82
N ASP A 432 -48.38 18.90 27.43
CA ASP A 432 -49.08 19.74 28.39
C ASP A 432 -49.98 18.93 29.32
N LEU A 433 -50.54 17.84 28.80
CA LEU A 433 -51.47 17.04 29.57
C LEU A 433 -50.78 16.04 30.48
N TYR A 434 -49.60 15.56 30.08
CA TYR A 434 -48.95 14.48 30.82
C TYR A 434 -47.65 14.85 31.51
N LYS A 435 -47.16 16.06 31.27
CA LYS A 435 -45.93 16.47 31.95
C LYS A 435 -46.03 16.28 33.45
N GLN A 436 -44.96 15.74 34.05
CA GLN A 436 -44.87 15.58 35.49
C GLN A 436 -45.75 14.45 36.03
N LYS A 437 -46.48 13.79 35.14
CA LYS A 437 -47.27 12.63 35.53
C LYS A 437 -46.40 11.41 35.67
N ASN A 438 -47.00 10.34 36.17
CA ASN A 438 -46.26 9.11 36.41
C ASN A 438 -45.92 8.38 35.12
N ALA A 439 -44.66 8.02 34.94
CA ALA A 439 -44.21 7.41 33.70
C ALA A 439 -44.69 5.97 33.52
N SER A 440 -44.96 5.28 34.62
CA SER A 440 -45.42 3.89 34.52
C SER A 440 -46.87 3.87 34.05
N ILE A 441 -47.67 4.76 34.63
CA ILE A 441 -49.06 4.92 34.24
C ILE A 441 -49.14 5.30 32.77
N PHE A 442 -48.30 6.25 32.36
CA PHE A 442 -48.24 6.68 30.97
C PHE A 442 -47.92 5.50 30.05
N LEU A 443 -46.87 4.75 30.38
CA LEU A 443 -46.49 3.57 29.60
C LEU A 443 -47.65 2.61 29.41
N LYS A 444 -48.35 2.30 30.51
CA LYS A 444 -49.48 1.38 30.42
C LYS A 444 -50.60 1.93 29.57
N LEU A 445 -50.83 3.25 29.66
CA LEU A 445 -51.85 3.89 28.86
C LEU A 445 -51.54 3.69 27.38
N VAL A 446 -50.28 3.93 27.02
CA VAL A 446 -49.84 3.79 25.65
C VAL A 446 -50.01 2.36 25.15
N MET A 447 -49.66 1.40 26.00
CA MET A 447 -49.74 -0.01 25.63
C MET A 447 -51.18 -0.53 25.46
N ASP A 448 -52.13 0.16 26.08
CA ASP A 448 -53.53 -0.20 25.92
C ASP A 448 -54.14 0.33 24.62
N TYR A 449 -53.44 1.23 23.95
CA TYR A 449 -54.03 1.84 22.75
C TYR A 449 -54.49 0.82 21.70
N PRO A 450 -53.61 -0.11 21.28
CA PRO A 450 -53.96 -0.96 20.14
C PRO A 450 -55.26 -1.73 20.29
N ASN A 451 -55.58 -2.19 21.50
CA ASN A 451 -56.83 -2.96 21.71
C ASN A 451 -57.99 -2.13 22.24
N SER A 452 -57.85 -0.81 22.21
CA SER A 452 -58.85 0.06 22.77
C SER A 452 -59.93 0.35 21.73
N LYS A 453 -61.02 0.97 22.16
CA LYS A 453 -62.10 1.35 21.26
C LYS A 453 -61.70 2.56 20.41
N TYR A 454 -60.54 3.14 20.73
CA TYR A 454 -60.06 4.31 19.99
C TYR A 454 -59.19 3.97 18.79
N MET A 455 -58.75 2.72 18.70
CA MET A 455 -57.73 2.36 17.71
C MET A 455 -58.11 2.68 16.26
N GLU A 456 -59.34 2.39 15.85
CA GLU A 456 -59.74 2.58 14.46
C GLU A 456 -59.79 4.06 14.04
N ASP A 457 -60.32 4.92 14.91
CA ASP A 457 -60.60 6.31 14.55
C ASP A 457 -59.63 7.33 15.15
N TYR A 458 -58.70 6.88 15.99
CA TYR A 458 -57.76 7.77 16.64
C TYR A 458 -56.35 7.24 16.47
N THR A 459 -55.39 8.15 16.28
CA THR A 459 -53.98 7.79 16.39
C THR A 459 -53.63 7.72 17.87
N LEU A 460 -52.46 7.19 18.17
CA LEU A 460 -52.01 7.12 19.56
C LEU A 460 -52.03 8.50 20.24
N LEU A 461 -51.46 9.50 19.59
CA LEU A 461 -51.42 10.84 20.20
C LEU A 461 -52.82 11.39 20.44
N GLU A 462 -53.70 11.19 19.47
CA GLU A 462 -55.09 11.64 19.56
C GLU A 462 -55.82 10.95 20.70
N TYR A 463 -55.48 9.68 20.90
CA TYR A 463 -56.03 8.87 21.98
C TYR A 463 -55.60 9.43 23.33
N LEU A 464 -54.30 9.72 23.47
CA LEU A 464 -53.76 10.27 24.70
C LEU A 464 -54.43 11.62 25.04
N ILE A 465 -54.62 12.44 24.02
CA ILE A 465 -55.29 13.73 24.21
C ILE A 465 -56.72 13.51 24.69
N GLU A 466 -57.44 12.62 24.03
CA GLU A 466 -58.82 12.35 24.43
C GLU A 466 -58.92 11.88 25.88
N LEU A 467 -58.09 10.92 26.24
CA LEU A 467 -58.07 10.41 27.62
C LEU A 467 -57.65 11.48 28.63
N GLY A 468 -56.60 12.22 28.29
CA GLY A 468 -56.04 13.21 29.20
C GLY A 468 -56.99 14.36 29.45
N LYS A 469 -57.79 14.69 28.45
CA LYS A 469 -58.78 15.75 28.59
C LYS A 469 -59.96 15.29 29.44
N GLU A 470 -60.40 14.08 29.20
CA GLU A 470 -61.45 13.48 29.99
C GLU A 470 -61.07 13.52 31.47
N LYS A 471 -59.80 13.37 31.76
CA LYS A 471 -59.40 13.44 33.14
C LYS A 471 -59.38 14.91 33.43
N ALA A 472 -60.59 15.45 33.65
CA ALA A 472 -60.81 16.86 33.78
C ALA A 472 -62.26 17.17 33.49
N ASP B 34 14.07 5.81 -28.81
CA ASP B 34 14.45 4.64 -28.04
C ASP B 34 14.89 3.48 -28.94
N TYR B 35 16.09 2.95 -28.68
CA TYR B 35 16.49 1.69 -29.30
C TYR B 35 15.53 0.59 -28.88
N GLN B 36 15.29 -0.35 -29.78
CA GLN B 36 14.40 -1.47 -29.50
C GLN B 36 15.13 -2.76 -29.83
N PHE B 37 15.39 -3.59 -28.83
CA PHE B 37 16.06 -4.86 -29.11
C PHE B 37 15.08 -5.84 -29.77
N PRO B 38 15.42 -6.33 -30.96
CA PRO B 38 14.56 -7.23 -31.73
C PRO B 38 14.41 -8.63 -31.13
N LEU B 39 13.16 -9.04 -30.94
CA LEU B 39 12.84 -10.43 -30.64
C LEU B 39 12.66 -11.14 -31.98
N PRO B 40 12.57 -12.49 -31.98
CA PRO B 40 12.58 -13.25 -33.25
C PRO B 40 11.58 -12.79 -34.32
N GLN B 41 10.37 -12.40 -33.93
CA GLN B 41 9.35 -12.03 -34.93
C GLN B 41 9.70 -10.78 -35.74
N LYS B 42 10.54 -9.92 -35.19
CA LYS B 42 10.96 -8.71 -35.89
C LYS B 42 11.56 -9.03 -37.27
N ASN B 43 12.27 -10.15 -37.37
CA ASN B 43 12.80 -10.60 -38.66
C ASN B 43 11.78 -11.53 -39.32
N SER B 44 10.88 -10.94 -40.11
CA SER B 44 9.73 -11.68 -40.62
C SER B 44 10.11 -12.95 -41.39
N GLU B 45 11.11 -12.84 -42.26
CA GLU B 45 11.49 -13.96 -43.11
C GLU B 45 12.12 -15.09 -42.30
N LEU B 46 13.00 -14.75 -41.37
CA LEU B 46 13.67 -15.76 -40.58
C LEU B 46 12.69 -16.39 -39.59
N TRP B 47 11.77 -15.58 -39.07
CA TRP B 47 10.78 -16.09 -38.13
C TRP B 47 9.92 -17.15 -38.81
N ILE B 48 9.60 -16.92 -40.08
CA ILE B 48 8.82 -17.89 -40.84
C ILE B 48 9.46 -19.29 -40.75
N ILE B 49 10.76 -19.37 -40.95
CA ILE B 49 11.47 -20.64 -40.82
C ILE B 49 11.52 -21.15 -39.36
N GLN B 50 11.90 -20.24 -38.46
CA GLN B 50 12.07 -20.60 -37.05
C GLN B 50 10.76 -21.13 -36.48
N LYS B 51 9.66 -20.45 -36.80
CA LYS B 51 8.38 -20.83 -36.23
C LYS B 51 8.02 -22.27 -36.58
N LYS B 52 8.29 -22.68 -37.81
CA LYS B 52 7.96 -24.04 -38.27
C LYS B 52 8.74 -25.06 -37.45
N THR B 53 10.04 -24.80 -37.31
CA THR B 53 10.91 -25.69 -36.54
C THR B 53 10.41 -25.81 -35.11
N LEU B 54 10.09 -24.68 -34.50
CA LEU B 54 9.60 -24.68 -33.12
C LEU B 54 8.28 -25.44 -32.99
N GLN B 55 7.35 -25.17 -33.92
CA GLN B 55 6.07 -25.88 -33.92
C GLN B 55 6.22 -27.38 -34.07
N ASP B 56 7.05 -27.80 -35.02
CA ASP B 56 7.29 -29.23 -35.24
C ASP B 56 7.82 -29.90 -33.97
N LEU B 57 8.77 -29.26 -33.29
CA LEU B 57 9.30 -29.84 -32.04
C LEU B 57 8.26 -29.82 -30.95
N SER B 58 7.60 -28.68 -30.80
CA SER B 58 6.64 -28.48 -29.73
C SER B 58 5.52 -29.54 -29.76
N SER B 59 5.07 -29.87 -30.97
CA SER B 59 3.90 -30.74 -31.13
C SER B 59 4.27 -32.21 -31.23
N GLY B 60 5.56 -32.49 -31.42
CA GLY B 60 6.01 -33.87 -31.50
C GLY B 60 6.08 -34.40 -32.92
N LYS B 61 5.72 -33.56 -33.88
CA LYS B 61 5.84 -33.94 -35.29
C LYS B 61 7.28 -34.31 -35.59
N GLN B 62 8.21 -33.49 -35.12
CA GLN B 62 9.62 -33.87 -35.17
C GLN B 62 10.09 -34.27 -33.78
N LYS B 63 10.67 -35.47 -33.69
CA LYS B 63 11.20 -35.98 -32.43
C LYS B 63 12.72 -36.06 -32.52
N LEU B 64 13.40 -35.50 -31.52
CA LEU B 64 14.86 -35.57 -31.47
C LEU B 64 15.29 -36.93 -30.92
N ASP B 65 16.20 -37.60 -31.63
CA ASP B 65 16.61 -38.94 -31.23
C ASP B 65 18.05 -38.97 -30.71
N SER B 66 18.73 -37.83 -30.82
CA SER B 66 20.12 -37.72 -30.41
C SER B 66 20.49 -36.27 -30.12
N PHE B 67 21.64 -36.07 -29.48
CA PHE B 67 22.12 -34.72 -29.27
C PHE B 67 22.50 -34.10 -30.61
N GLN B 68 23.02 -34.91 -31.51
CA GLN B 68 23.42 -34.40 -32.82
C GLN B 68 22.22 -33.80 -33.55
N SER B 69 21.05 -34.39 -33.34
CA SER B 69 19.84 -33.87 -33.98
C SER B 69 19.44 -32.52 -33.39
N LEU B 70 19.78 -32.29 -32.12
CA LEU B 70 19.52 -30.98 -31.54
C LEU B 70 20.43 -29.91 -32.15
N GLU B 71 21.69 -30.28 -32.38
CA GLU B 71 22.65 -29.38 -33.02
C GLU B 71 22.13 -28.92 -34.37
N SER B 72 21.60 -29.86 -35.15
CA SER B 72 20.99 -29.52 -36.44
C SER B 72 19.91 -28.46 -36.28
N ILE B 73 19.04 -28.67 -35.29
CA ILE B 73 17.95 -27.74 -35.04
C ILE B 73 18.46 -26.36 -34.64
N LEU B 74 19.44 -26.32 -33.74
CA LEU B 74 20.04 -25.06 -33.34
C LEU B 74 20.67 -24.34 -34.53
N GLU B 75 21.29 -25.09 -35.43
CA GLU B 75 21.87 -24.52 -36.65
C GLU B 75 20.82 -23.82 -37.51
N ILE B 76 19.66 -24.46 -37.60
CA ILE B 76 18.52 -23.90 -38.32
C ILE B 76 17.97 -22.64 -37.66
N LEU B 77 17.84 -22.66 -36.33
CA LEU B 77 17.28 -21.51 -35.63
C LEU B 77 18.23 -20.33 -35.71
N ARG B 78 19.52 -20.65 -35.83
CA ARG B 78 20.57 -19.65 -35.92
C ARG B 78 20.73 -19.16 -37.34
N ASP B 79 20.13 -19.89 -38.27
CA ASP B 79 20.29 -19.62 -39.69
C ASP B 79 21.76 -19.77 -40.06
N SER B 80 22.41 -20.79 -39.49
CA SER B 80 23.86 -20.88 -39.57
C SER B 80 24.41 -21.36 -40.92
N LYS B 81 24.06 -22.58 -41.30
CA LYS B 81 24.81 -23.32 -42.30
C LYS B 81 26.08 -23.97 -41.69
N ASN B 82 27.25 -23.45 -42.05
CA ASN B 82 28.54 -24.01 -41.60
C ASN B 82 28.55 -24.45 -40.13
N GLN B 83 28.95 -25.69 -39.87
CA GLN B 83 28.64 -26.32 -38.58
C GLN B 83 29.76 -27.03 -37.81
N ASN B 84 29.71 -26.85 -36.49
CA ASN B 84 30.40 -27.69 -35.49
C ASN B 84 31.86 -28.08 -35.83
N ASP B 85 32.44 -29.07 -35.12
CA ASP B 85 31.80 -29.85 -34.06
C ASP B 85 32.20 -29.41 -32.64
N GLU B 86 32.71 -28.19 -32.52
CA GLU B 86 33.02 -27.64 -31.22
C GLU B 86 32.02 -26.55 -30.86
N LYS B 87 31.11 -26.29 -31.80
CA LYS B 87 30.16 -25.20 -31.69
C LYS B 87 29.21 -25.35 -30.51
N TYR B 88 28.92 -26.59 -30.15
CA TYR B 88 27.99 -26.88 -29.07
C TYR B 88 28.66 -27.72 -28.00
N PHE B 89 29.99 -27.68 -28.00
CA PHE B 89 30.80 -28.51 -27.10
C PHE B 89 30.36 -28.45 -25.63
N ASN B 90 30.13 -27.26 -25.09
CA ASN B 90 29.81 -27.19 -23.66
C ASN B 90 28.38 -27.61 -23.33
N LEU B 91 27.45 -27.35 -24.25
CA LEU B 91 26.08 -27.83 -24.11
C LEU B 91 26.07 -29.36 -24.16
N LYS B 92 26.87 -29.92 -25.06
CA LYS B 92 27.01 -31.37 -25.14
C LYS B 92 27.62 -31.95 -23.87
N ALA B 93 28.64 -31.28 -23.33
CA ALA B 93 29.27 -31.74 -22.09
C ALA B 93 28.27 -31.77 -20.93
N VAL B 94 27.38 -30.78 -20.86
CA VAL B 94 26.36 -30.80 -19.82
C VAL B 94 25.36 -31.92 -20.06
N PHE B 95 24.95 -32.07 -21.31
CA PHE B 95 24.00 -33.13 -21.68
C PHE B 95 24.51 -34.52 -21.28
N GLU B 96 25.78 -34.78 -21.53
CA GLU B 96 26.34 -36.10 -21.27
C GLU B 96 26.61 -36.37 -19.79
N GLN B 97 26.59 -35.32 -18.97
CA GLN B 97 26.65 -35.50 -17.53
C GLN B 97 25.30 -35.95 -16.96
N LEU B 98 24.22 -35.74 -17.71
CA LEU B 98 22.90 -36.18 -17.27
C LEU B 98 22.83 -37.69 -17.29
N ASP B 99 21.96 -38.29 -16.47
CA ASP B 99 21.75 -39.73 -16.54
C ASP B 99 20.87 -40.07 -17.75
N LYS B 100 20.86 -41.34 -18.12
CA LYS B 100 20.15 -41.78 -19.32
C LYS B 100 18.71 -41.27 -19.36
N GLU B 101 18.01 -41.44 -18.25
CA GLU B 101 16.63 -40.99 -18.16
C GLU B 101 16.51 -39.48 -18.40
N GLU B 102 17.37 -38.68 -17.79
CA GLU B 102 17.27 -37.24 -17.98
C GLU B 102 17.69 -36.84 -19.39
N GLN B 103 18.59 -37.60 -20.01
CA GLN B 103 18.95 -37.30 -21.39
C GLN B 103 17.72 -37.43 -22.27
N THR B 104 16.95 -38.49 -22.05
CA THR B 104 15.71 -38.72 -22.78
C THR B 104 14.73 -37.60 -22.53
N TYR B 105 14.55 -37.25 -21.26
CA TYR B 105 13.72 -36.11 -20.91
C TYR B 105 14.20 -34.84 -21.64
N PHE B 106 15.52 -34.62 -21.66
CA PHE B 106 16.06 -33.39 -22.23
C PHE B 106 15.64 -33.25 -23.68
N LEU B 107 15.83 -34.32 -24.45
CA LEU B 107 15.58 -34.28 -25.88
C LEU B 107 14.10 -34.33 -26.25
N GLU B 108 13.34 -35.17 -25.55
CA GLU B 108 11.94 -35.43 -25.92
C GLU B 108 10.91 -34.53 -25.25
N GLN B 109 11.27 -33.95 -24.11
CA GLN B 109 10.32 -33.15 -23.34
C GLN B 109 10.79 -31.73 -23.14
N PHE B 110 12.01 -31.56 -22.63
CA PHE B 110 12.51 -30.22 -22.32
C PHE B 110 12.63 -29.32 -23.55
N ILE B 111 13.35 -29.76 -24.56
CA ILE B 111 13.51 -28.93 -25.75
C ILE B 111 12.15 -28.56 -26.36
N PRO B 112 11.29 -29.57 -26.61
CA PRO B 112 9.95 -29.25 -27.13
C PRO B 112 9.23 -28.24 -26.25
N LYS B 113 9.36 -28.40 -24.93
CA LYS B 113 8.65 -27.52 -24.00
C LYS B 113 9.13 -26.07 -23.99
N ILE B 114 10.43 -25.84 -24.12
CA ILE B 114 10.89 -24.45 -24.18
C ILE B 114 10.65 -23.85 -25.58
N CYS B 115 10.54 -24.71 -26.58
CA CYS B 115 10.12 -24.26 -27.91
C CYS B 115 8.72 -23.69 -27.83
N GLN B 116 7.85 -24.35 -27.08
CA GLN B 116 6.49 -23.86 -26.90
C GLN B 116 6.48 -22.51 -26.16
N LEU B 117 7.36 -22.35 -25.18
CA LEU B 117 7.51 -21.07 -24.49
C LEU B 117 7.82 -19.96 -25.47
N VAL B 118 8.77 -20.21 -26.38
CA VAL B 118 9.14 -19.22 -27.39
C VAL B 118 7.92 -18.86 -28.26
N LEU B 119 7.11 -19.87 -28.57
CA LEU B 119 5.91 -19.64 -29.37
C LEU B 119 4.87 -18.80 -28.64
N LYS B 120 5.01 -18.68 -27.32
CA LYS B 120 4.06 -17.90 -26.53
C LYS B 120 4.35 -16.40 -26.58
N ILE B 121 5.57 -16.03 -26.97
CA ILE B 121 5.94 -14.62 -27.03
C ILE B 121 5.05 -13.85 -28.00
N LYS B 122 4.56 -12.70 -27.56
CA LYS B 122 3.68 -11.89 -28.39
C LYS B 122 4.37 -10.64 -28.90
N LYS B 123 5.48 -10.28 -28.24
CA LYS B 123 6.19 -9.05 -28.56
C LYS B 123 7.17 -9.25 -29.69
N LYS B 124 7.41 -8.19 -30.46
CA LYS B 124 8.36 -8.24 -31.57
C LYS B 124 9.69 -7.59 -31.21
N GLN B 125 9.70 -6.85 -30.10
CA GLN B 125 10.88 -6.11 -29.68
C GLN B 125 10.71 -5.67 -28.23
N LEU B 126 11.81 -5.23 -27.60
CA LEU B 126 11.76 -4.72 -26.23
C LEU B 126 12.41 -3.35 -26.16
N LYS B 127 11.76 -2.42 -25.48
CA LYS B 127 12.24 -1.04 -25.47
C LYS B 127 13.46 -0.87 -24.55
N ASN B 128 14.48 -0.21 -25.07
CA ASN B 128 15.68 0.12 -24.29
C ASN B 128 15.72 1.63 -24.13
N GLN B 129 14.92 2.14 -23.21
CA GLN B 129 14.80 3.58 -23.03
C GLN B 129 15.79 4.12 -22.00
N ILE B 130 16.36 5.28 -22.31
CA ILE B 130 17.23 6.00 -21.37
C ILE B 130 16.39 7.08 -20.71
N PRO B 131 16.18 6.97 -19.39
CA PRO B 131 15.26 7.95 -18.79
C PRO B 131 15.86 9.34 -18.80
N LYS B 132 15.02 10.37 -18.82
CA LYS B 132 15.50 11.75 -18.71
C LYS B 132 15.92 12.05 -17.27
N GLU B 133 16.52 13.22 -17.03
CA GLU B 133 17.01 13.55 -15.70
C GLU B 133 15.94 13.39 -14.63
N SER B 134 16.30 12.66 -13.57
CA SER B 134 15.43 12.45 -12.41
C SER B 134 14.18 11.64 -12.71
N LYS B 135 14.21 10.87 -13.79
CA LYS B 135 13.09 10.00 -14.13
C LYS B 135 13.55 8.54 -14.12
N ILE B 136 12.58 7.63 -14.23
CA ILE B 136 12.87 6.20 -14.23
C ILE B 136 12.35 5.57 -15.51
N TYR B 137 13.09 4.62 -16.06
CA TYR B 137 12.51 3.74 -17.08
C TYR B 137 12.24 2.39 -16.46
N GLU B 138 10.96 2.02 -16.40
CA GLU B 138 10.54 0.76 -15.80
C GLU B 138 10.09 -0.24 -16.84
N ALA B 139 10.66 -1.43 -16.79
CA ALA B 139 10.19 -2.51 -17.65
C ALA B 139 9.68 -3.66 -16.78
N ALA B 140 8.37 -3.91 -16.87
CA ALA B 140 7.76 -4.95 -16.05
C ALA B 140 7.38 -6.18 -16.89
N PHE B 141 7.49 -7.36 -16.29
CA PHE B 141 7.24 -8.62 -16.99
C PHE B 141 6.58 -9.59 -16.03
N SER B 142 5.89 -10.59 -16.58
CA SER B 142 5.42 -11.68 -15.72
C SER B 142 6.55 -12.68 -15.58
N ARG B 143 6.51 -13.47 -14.52
CA ARG B 143 7.56 -14.46 -14.30
C ARG B 143 7.66 -15.44 -15.47
N GLU B 144 6.53 -15.86 -16.01
CA GLU B 144 6.57 -16.78 -17.13
C GLU B 144 7.08 -16.09 -18.41
N GLU B 145 6.70 -14.83 -18.61
CA GLU B 145 7.23 -14.04 -19.72
C GLU B 145 8.76 -14.05 -19.70
N ILE B 146 9.34 -13.83 -18.51
CA ILE B 146 10.80 -13.85 -18.40
C ILE B 146 11.32 -15.17 -18.95
N SER B 147 10.65 -16.28 -18.60
CA SER B 147 11.11 -17.60 -18.99
C SER B 147 11.06 -17.80 -20.51
N TYR B 148 10.14 -17.10 -21.18
CA TYR B 148 10.09 -17.14 -22.63
C TYR B 148 11.39 -16.57 -23.22
N TYR B 149 11.84 -15.46 -22.68
CA TYR B 149 13.04 -14.80 -23.23
C TYR B 149 14.29 -15.60 -22.90
N VAL B 150 14.34 -16.19 -21.71
CA VAL B 150 15.49 -17.03 -21.38
C VAL B 150 15.49 -18.29 -22.25
N SER B 151 14.30 -18.76 -22.63
CA SER B 151 14.23 -19.87 -23.57
C SER B 151 14.83 -19.49 -24.92
N CYS B 152 14.58 -18.27 -25.38
CA CYS B 152 15.20 -17.77 -26.60
C CYS B 152 16.73 -17.78 -26.49
N MET B 153 17.24 -17.39 -25.34
CA MET B 153 18.69 -17.36 -25.14
C MET B 153 19.24 -18.77 -25.25
N PHE B 154 18.52 -19.71 -24.65
CA PHE B 154 18.95 -21.10 -24.63
C PHE B 154 18.94 -21.67 -26.05
N LEU B 155 18.01 -21.20 -26.87
CA LEU B 155 17.90 -21.67 -28.26
C LEU B 155 18.70 -20.82 -29.26
N CYS B 156 19.48 -19.88 -28.75
CA CYS B 156 20.40 -19.07 -29.56
C CYS B 156 19.71 -18.26 -30.67
N ILE B 157 18.61 -17.58 -30.34
CA ILE B 157 17.88 -16.84 -31.36
C ILE B 157 17.64 -15.38 -31.00
N LEU B 158 18.46 -14.83 -30.10
CA LEU B 158 18.33 -13.40 -29.78
C LEU B 158 19.51 -12.63 -30.35
N LYS B 159 19.27 -11.89 -31.43
CA LYS B 159 20.35 -11.17 -32.07
C LYS B 159 19.83 -9.95 -32.81
N ASP B 160 20.63 -8.89 -32.79
CA ASP B 160 20.36 -7.75 -33.64
C ASP B 160 21.30 -7.84 -34.84
N GLN B 161 20.75 -8.33 -35.95
CA GLN B 161 21.47 -8.51 -37.19
C GLN B 161 22.24 -7.25 -37.59
N ASP B 162 21.56 -6.12 -37.59
CA ASP B 162 22.17 -4.87 -38.03
C ASP B 162 23.38 -4.47 -37.19
N ARG B 163 23.28 -4.62 -35.88
CA ARG B 163 24.36 -4.24 -34.98
C ARG B 163 25.37 -5.37 -34.80
N LYS B 164 25.03 -6.56 -35.29
CA LYS B 164 25.87 -7.73 -35.08
C LYS B 164 26.11 -7.89 -33.58
N ILE B 165 25.02 -7.90 -32.83
CA ILE B 165 25.04 -8.12 -31.39
C ILE B 165 24.10 -9.27 -31.08
N TYR B 166 24.53 -10.18 -30.21
CA TYR B 166 23.68 -11.28 -29.79
C TYR B 166 23.58 -11.30 -28.28
N LYS B 167 22.43 -11.73 -27.78
CA LYS B 167 22.19 -11.77 -26.35
C LYS B 167 21.70 -13.17 -26.00
N ASP B 168 22.44 -14.19 -26.41
CA ASP B 168 22.04 -15.55 -26.08
C ASP B 168 23.25 -16.38 -25.67
N PHE B 169 23.07 -17.70 -25.59
CA PHE B 169 24.07 -18.59 -24.97
C PHE B 169 25.09 -19.14 -25.97
N ARG B 170 25.03 -18.59 -27.17
CA ARG B 170 25.94 -18.83 -28.29
C ARG B 170 27.40 -19.10 -27.88
N LEU B 171 28.01 -18.11 -27.26
CA LEU B 171 29.41 -18.20 -26.86
C LEU B 171 29.62 -19.21 -25.74
N ILE B 172 28.67 -19.28 -24.81
CA ILE B 172 28.79 -20.22 -23.69
C ILE B 172 28.83 -21.66 -24.22
N TYR B 173 28.09 -21.94 -25.28
CA TYR B 173 28.00 -23.30 -25.83
C TYR B 173 29.28 -23.70 -26.54
N LEU B 174 29.96 -22.71 -27.11
CA LEU B 174 31.15 -22.91 -27.94
C LEU B 174 32.36 -23.38 -27.14
N LYS B 175 33.15 -24.29 -27.71
CA LYS B 175 34.37 -24.77 -27.05
C LYS B 175 35.48 -23.73 -27.07
N ASP B 176 36.11 -23.54 -25.91
CA ASP B 176 37.25 -22.65 -25.79
C ASP B 176 38.53 -23.46 -25.62
N LEU B 177 39.68 -22.86 -25.93
CA LEU B 177 40.96 -23.57 -25.78
C LEU B 177 41.28 -23.94 -24.34
N VAL B 178 40.80 -23.14 -23.40
CA VAL B 178 41.16 -23.30 -22.00
C VAL B 178 40.10 -24.12 -21.29
N GLN B 179 40.52 -25.27 -20.75
CA GLN B 179 39.61 -26.18 -20.05
C GLN B 179 38.81 -25.51 -18.93
N GLN B 180 39.47 -24.66 -18.14
CA GLN B 180 38.79 -24.02 -17.01
C GLN B 180 37.66 -23.14 -17.51
N ILE B 181 37.84 -22.59 -18.71
CA ILE B 181 36.83 -21.72 -19.31
C ILE B 181 35.62 -22.54 -19.79
N ASN B 182 35.88 -23.75 -20.30
CA ASN B 182 34.78 -24.65 -20.68
C ASN B 182 33.96 -25.08 -19.47
N ILE B 183 34.64 -25.37 -18.36
CA ILE B 183 33.94 -25.70 -17.11
C ILE B 183 33.05 -24.52 -16.64
N ARG B 184 33.62 -23.33 -16.60
CA ARG B 184 32.82 -22.14 -16.28
C ARG B 184 31.53 -22.12 -17.10
N ARG B 185 31.68 -22.22 -18.42
CA ARG B 185 30.54 -22.19 -19.34
C ARG B 185 29.54 -23.30 -19.08
N GLN B 186 30.05 -24.51 -18.83
CA GLN B 186 29.19 -25.64 -18.55
C GLN B 186 28.37 -25.40 -17.28
N GLU B 187 29.03 -24.86 -16.24
CA GLU B 187 28.34 -24.66 -14.97
C GLU B 187 27.27 -23.59 -15.13
N LYS B 188 27.52 -22.61 -16.01
CA LYS B 188 26.51 -21.62 -16.31
C LYS B 188 25.28 -22.29 -16.90
N ILE B 189 25.51 -23.18 -17.87
CA ILE B 189 24.43 -23.86 -18.58
C ILE B 189 23.62 -24.68 -17.59
N LYS B 190 24.29 -25.32 -16.65
CA LYS B 190 23.60 -26.09 -15.61
C LYS B 190 22.65 -25.22 -14.80
N CYS B 191 23.09 -24.00 -14.46
CA CYS B 191 22.25 -23.05 -13.76
C CYS B 191 21.04 -22.62 -14.59
N PHE B 192 21.28 -22.32 -15.86
CA PHE B 192 20.20 -21.84 -16.73
C PHE B 192 19.19 -22.94 -16.98
N TYR B 193 19.69 -24.16 -17.10
CA TYR B 193 18.88 -25.35 -17.33
C TYR B 193 17.98 -25.67 -16.13
N GLU B 194 18.55 -25.59 -14.92
CA GLU B 194 17.78 -25.78 -13.70
C GLU B 194 16.66 -24.74 -13.62
N TYR B 195 16.99 -23.47 -13.84
CA TYR B 195 15.97 -22.44 -13.88
C TYR B 195 14.83 -22.75 -14.87
N LEU B 196 15.19 -23.10 -16.10
CA LEU B 196 14.17 -23.36 -17.12
C LEU B 196 13.29 -24.55 -16.75
N LYS B 197 13.88 -25.60 -16.18
CA LYS B 197 13.08 -26.72 -15.68
C LYS B 197 12.08 -26.30 -14.60
N GLN B 198 12.50 -25.42 -13.69
CA GLN B 198 11.63 -24.89 -12.66
C GLN B 198 10.54 -24.02 -13.28
N ALA B 199 10.91 -23.18 -14.24
CA ALA B 199 9.94 -22.31 -14.90
C ALA B 199 8.86 -23.13 -15.64
N LEU B 200 9.25 -24.28 -16.19
CA LEU B 200 8.30 -25.13 -16.88
C LEU B 200 7.23 -25.66 -15.93
N ASP B 201 7.55 -25.67 -14.63
CA ASP B 201 6.65 -26.14 -13.59
C ASP B 201 5.96 -25.03 -12.80
N PHE B 202 6.03 -23.79 -13.28
CA PHE B 202 5.38 -22.69 -12.57
C PHE B 202 3.90 -22.98 -12.33
N SER B 203 3.44 -22.72 -11.11
CA SER B 203 2.01 -22.76 -10.84
C SER B 203 1.43 -21.55 -11.54
N GLU B 204 0.11 -21.53 -11.69
CA GLU B 204 -0.55 -20.39 -12.31
C GLU B 204 -0.26 -19.11 -11.52
N LYS B 205 -0.33 -19.22 -10.20
CA LYS B 205 -0.03 -18.09 -9.32
C LYS B 205 1.38 -17.57 -9.60
N GLU B 206 2.38 -18.45 -9.52
CA GLU B 206 3.76 -18.00 -9.68
C GLU B 206 4.03 -17.44 -11.08
N SER B 207 3.45 -18.06 -12.11
CA SER B 207 3.73 -17.66 -13.48
C SER B 207 3.28 -16.22 -13.71
N LYS B 208 2.32 -15.78 -12.92
CA LYS B 208 1.73 -14.45 -13.10
C LYS B 208 2.41 -13.39 -12.26
N GLU B 209 3.35 -13.80 -11.40
CA GLU B 209 3.98 -12.82 -10.52
C GLU B 209 4.76 -11.82 -11.35
N VAL B 210 4.96 -10.62 -10.82
CA VAL B 210 5.62 -9.58 -11.59
C VAL B 210 7.08 -9.37 -11.20
N VAL B 211 7.94 -9.28 -12.21
CA VAL B 211 9.34 -8.95 -12.04
C VAL B 211 9.53 -7.59 -12.68
N ILE B 212 10.18 -6.68 -11.97
CA ILE B 212 10.29 -5.29 -12.45
C ILE B 212 11.74 -4.84 -12.55
N PHE B 213 12.13 -4.34 -13.72
CA PHE B 213 13.45 -3.78 -13.88
C PHE B 213 13.33 -2.27 -13.97
N GLN B 214 14.20 -1.56 -13.24
CA GLN B 214 14.16 -0.10 -13.28
C GLN B 214 15.52 0.49 -13.58
N ARG B 215 15.56 1.39 -14.56
CA ARG B 215 16.75 2.17 -14.87
C ARG B 215 16.48 3.58 -14.34
N ILE B 216 17.24 3.97 -13.31
CA ILE B 216 16.87 5.13 -12.52
C ILE B 216 17.89 6.24 -12.70
N ASN B 217 17.43 7.36 -13.26
CA ASN B 217 18.28 8.54 -13.35
C ASN B 217 18.13 9.37 -12.07
N CYS B 218 19.23 9.52 -11.34
CA CYS B 218 19.17 10.09 -9.98
C CYS B 218 19.46 11.57 -9.89
N GLY B 219 19.62 12.22 -11.03
CA GLY B 219 19.70 13.67 -11.07
C GLY B 219 21.11 14.21 -11.02
N GLN B 220 21.25 15.45 -10.57
CA GLN B 220 22.55 16.11 -10.54
C GLN B 220 23.53 15.42 -9.60
N LEU B 221 24.73 15.19 -10.11
CA LEU B 221 25.83 14.73 -9.29
C LEU B 221 26.23 15.87 -8.35
N GLU B 222 26.69 15.51 -7.15
CA GLU B 222 27.20 16.48 -6.20
C GLU B 222 28.74 16.42 -6.18
N ASP B 223 29.41 17.56 -6.29
CA ASP B 223 30.88 17.55 -6.27
C ASP B 223 31.40 17.36 -4.85
N TYR B 224 32.71 17.20 -4.72
CA TYR B 224 33.30 16.90 -3.43
C TYR B 224 32.96 17.93 -2.35
N GLU B 225 33.05 19.22 -2.66
CA GLU B 225 32.77 20.24 -1.66
C GLU B 225 31.30 20.19 -1.23
N ASN B 226 30.42 19.92 -2.18
CA ASN B 226 29.00 19.75 -1.86
C ASN B 226 28.80 18.61 -0.86
N TRP B 227 29.48 17.50 -1.10
CA TRP B 227 29.43 16.36 -0.20
C TRP B 227 29.90 16.72 1.20
N VAL B 228 31.07 17.35 1.30
CA VAL B 228 31.57 17.79 2.59
C VAL B 228 30.50 18.64 3.32
N ASP B 229 29.84 19.53 2.58
CA ASP B 229 28.82 20.36 3.21
C ASP B 229 27.61 19.56 3.64
N LYS B 230 27.10 18.71 2.75
CA LYS B 230 25.90 17.92 3.05
C LYS B 230 26.09 17.00 4.24
N LEU B 231 27.32 16.55 4.42
CA LEU B 231 27.61 15.55 5.45
C LEU B 231 27.71 16.14 6.86
N LYS B 232 27.79 17.47 6.96
CA LYS B 232 27.86 18.09 8.28
C LYS B 232 26.64 17.72 9.13
N ALA B 233 25.51 17.50 8.46
CA ALA B 233 24.27 17.19 9.15
C ALA B 233 24.10 15.69 9.39
N ILE B 234 25.11 14.90 9.01
CA ILE B 234 24.97 13.43 9.01
C ILE B 234 25.83 12.74 10.08
N LYS B 235 25.22 11.82 10.83
CA LYS B 235 25.94 10.94 11.76
C LYS B 235 26.11 9.54 11.17
N LEU B 236 27.25 8.91 11.43
CA LEU B 236 27.52 7.56 10.90
C LEU B 236 26.64 6.53 11.58
N LYS B 237 25.99 5.70 10.76
CA LYS B 237 24.95 4.77 11.22
C LYS B 237 25.45 3.35 11.45
N ASN B 238 24.54 2.45 11.79
CA ASN B 238 24.92 1.09 12.16
C ASN B 238 25.54 0.27 11.03
N VAL B 239 26.58 -0.50 11.38
CA VAL B 239 27.20 -1.45 10.46
C VAL B 239 27.28 -2.84 11.11
N GLN B 240 26.82 -3.85 10.38
CA GLN B 240 26.94 -5.25 10.82
C GLN B 240 27.96 -5.97 9.95
N LEU B 241 28.92 -6.65 10.58
CA LEU B 241 29.97 -7.37 9.86
C LEU B 241 29.72 -8.86 9.80
N THR B 242 30.00 -9.46 8.66
CA THR B 242 29.99 -10.92 8.55
C THR B 242 31.13 -11.39 7.66
N ASP B 243 31.85 -12.39 8.16
CA ASP B 243 32.99 -12.94 7.47
C ASP B 243 32.63 -14.23 6.74
N ASP B 244 31.51 -14.84 7.14
CA ASP B 244 31.16 -16.17 6.62
C ASP B 244 29.85 -16.23 5.82
N LYS B 245 29.17 -15.10 5.69
CA LYS B 245 27.91 -15.09 4.93
C LYS B 245 28.03 -14.20 3.69
N LEU B 246 27.17 -14.42 2.70
CA LEU B 246 27.25 -13.65 1.46
C LEU B 246 26.06 -12.71 1.31
N ILE B 247 26.16 -11.80 0.34
CA ILE B 247 25.15 -10.75 0.18
C ILE B 247 23.74 -11.35 0.02
N GLU B 248 23.65 -12.42 -0.76
CA GLU B 248 22.37 -13.08 -1.00
C GLU B 248 21.88 -13.90 0.20
N ASP B 249 22.64 -13.93 1.28
CA ASP B 249 22.21 -14.67 2.47
C ASP B 249 21.41 -13.79 3.43
N PHE B 250 21.10 -12.57 2.99
CA PHE B 250 20.34 -11.63 3.84
C PHE B 250 19.05 -11.17 3.16
N PRO B 251 18.04 -12.04 3.19
CA PRO B 251 16.74 -11.69 2.61
C PRO B 251 16.16 -10.44 3.28
N GLY B 252 15.37 -9.69 2.51
CA GLY B 252 14.69 -8.52 3.03
C GLY B 252 15.62 -7.33 3.22
N THR B 253 16.76 -7.37 2.54
CA THR B 253 17.64 -6.19 2.49
C THR B 253 17.70 -5.72 1.05
N LEU B 254 18.19 -4.51 0.84
CA LEU B 254 18.52 -4.08 -0.52
C LEU B 254 19.88 -4.70 -0.84
N GLN B 255 19.88 -5.76 -1.65
CA GLN B 255 21.09 -6.52 -1.95
C GLN B 255 21.86 -5.93 -3.13
N VAL B 256 23.16 -5.77 -2.97
CA VAL B 256 23.97 -5.11 -3.99
C VAL B 256 24.55 -6.10 -4.99
N ASP B 257 24.42 -5.75 -6.27
CA ASP B 257 25.12 -6.41 -7.37
C ASP B 257 26.30 -5.51 -7.72
N PHE B 258 27.51 -6.06 -7.68
CA PHE B 258 28.71 -5.30 -8.01
C PHE B 258 28.82 -5.23 -9.53
N ALA B 259 28.14 -4.25 -10.13
CA ALA B 259 27.89 -4.31 -11.57
C ALA B 259 29.00 -3.75 -12.44
N ASN B 260 28.99 -4.18 -13.70
CA ASN B 260 29.68 -3.48 -14.76
C ASN B 260 28.71 -2.39 -15.21
N CYS B 261 29.22 -1.29 -15.75
CA CYS B 261 28.32 -0.26 -16.24
C CYS B 261 27.40 -0.83 -17.34
N ASP B 262 27.89 -1.87 -18.03
CA ASP B 262 27.05 -2.71 -18.88
C ASP B 262 26.47 -3.84 -18.06
N ILE B 263 25.20 -3.71 -17.70
CA ILE B 263 24.57 -4.64 -16.76
C ILE B 263 24.85 -6.11 -17.13
N GLY B 264 25.21 -6.93 -16.14
CA GLY B 264 25.46 -8.34 -16.39
C GLY B 264 26.92 -8.68 -16.64
N GLY B 265 27.75 -7.66 -16.90
CA GLY B 265 29.16 -7.88 -17.16
C GLY B 265 29.41 -9.00 -18.16
N GLY B 266 30.22 -9.99 -17.77
CA GLY B 266 30.55 -11.08 -18.67
C GLY B 266 29.63 -12.30 -18.63
N ILE B 267 28.37 -12.12 -18.25
CA ILE B 267 27.50 -13.29 -18.02
C ILE B 267 27.37 -14.21 -19.25
N LEU B 268 27.32 -13.61 -20.44
CA LEU B 268 27.17 -14.38 -21.67
C LEU B 268 28.52 -14.77 -22.23
N GLY B 269 29.57 -14.50 -21.48
CA GLY B 269 30.92 -14.90 -21.84
C GLY B 269 31.59 -15.71 -20.76
N ASN B 270 32.81 -15.32 -20.41
CA ASN B 270 33.59 -16.08 -19.44
C ASN B 270 33.43 -15.58 -18.01
N GLY B 271 32.76 -14.44 -17.84
CA GLY B 271 32.65 -13.80 -16.54
C GLY B 271 32.03 -14.69 -15.47
N LEU B 272 32.65 -14.75 -14.29
CA LEU B 272 32.09 -15.56 -13.20
C LEU B 272 32.57 -15.07 -11.83
N VAL B 273 32.48 -13.77 -11.60
CA VAL B 273 32.68 -13.21 -10.26
C VAL B 273 31.31 -12.78 -9.69
N GLN B 274 31.26 -11.72 -8.87
CA GLN B 274 30.06 -11.47 -8.07
C GLN B 274 28.78 -11.30 -8.89
N GLU B 275 28.82 -10.46 -9.91
CA GLU B 275 27.61 -10.17 -10.67
C GLU B 275 27.18 -11.39 -11.50
N GLU B 276 28.14 -12.02 -12.16
CA GLU B 276 27.80 -13.11 -13.07
C GLU B 276 27.23 -14.26 -12.27
N ILE B 277 27.80 -14.50 -11.10
CA ILE B 277 27.28 -15.56 -10.24
C ILE B 277 25.83 -15.26 -9.81
N ARG B 278 25.54 -14.00 -9.48
CA ARG B 278 24.17 -13.66 -9.11
C ARG B 278 23.21 -13.99 -10.26
N PHE B 279 23.58 -13.59 -11.48
CA PHE B 279 22.76 -13.88 -12.67
C PHE B 279 22.58 -15.40 -12.88
N CYS B 280 23.63 -16.18 -12.60
CA CYS B 280 23.54 -17.63 -12.79
C CYS B 280 22.52 -18.25 -11.83
N VAL B 281 22.56 -17.81 -10.57
CA VAL B 281 21.65 -18.39 -9.58
C VAL B 281 20.27 -17.74 -9.63
N CYS B 282 20.19 -16.55 -10.24
CA CYS B 282 18.92 -15.83 -10.40
C CYS B 282 18.75 -15.38 -11.85
N PRO B 283 18.50 -16.34 -12.76
CA PRO B 283 18.58 -16.04 -14.19
C PRO B 283 17.48 -15.11 -14.72
N GLU B 284 16.43 -14.85 -13.94
CA GLU B 284 15.49 -13.81 -14.33
C GLU B 284 16.22 -12.48 -14.61
N MET B 285 17.35 -12.26 -13.92
CA MET B 285 18.14 -11.05 -14.13
C MET B 285 18.63 -10.90 -15.58
N LEU B 286 18.69 -12.01 -16.32
CA LEU B 286 19.10 -11.97 -17.73
C LEU B 286 18.33 -10.99 -18.61
N VAL B 287 17.02 -10.85 -18.35
CA VAL B 287 16.21 -9.96 -19.17
C VAL B 287 16.63 -8.49 -19.03
N SER B 288 17.32 -8.14 -17.95
CA SER B 288 17.90 -6.80 -17.85
C SER B 288 18.83 -6.51 -19.04
N LEU B 289 19.48 -7.55 -19.57
CA LEU B 289 20.34 -7.38 -20.73
C LEU B 289 19.58 -6.89 -21.96
N LEU B 290 18.29 -7.22 -22.01
CA LEU B 290 17.46 -6.96 -23.19
C LEU B 290 16.78 -5.61 -23.16
N VAL B 291 16.84 -4.93 -22.02
CA VAL B 291 16.19 -3.62 -21.90
C VAL B 291 17.16 -2.49 -21.50
N PHE B 292 18.35 -2.85 -21.07
CA PHE B 292 19.34 -1.85 -20.68
C PHE B 292 20.61 -1.90 -21.53
N ASP B 293 20.45 -1.77 -22.84
CA ASP B 293 21.58 -1.86 -23.76
C ASP B 293 22.69 -0.85 -23.46
N GLN B 294 22.30 0.39 -23.22
CA GLN B 294 23.26 1.45 -22.93
C GLN B 294 23.92 1.33 -21.55
N SER B 295 25.23 1.51 -21.50
CA SER B 295 25.97 1.60 -20.25
C SER B 295 25.33 2.58 -19.26
N MET B 296 25.26 2.22 -17.99
CA MET B 296 24.81 3.15 -16.94
C MET B 296 25.67 4.40 -16.90
N GLU B 297 25.04 5.56 -16.84
CA GLU B 297 25.76 6.81 -16.62
C GLU B 297 26.17 6.95 -15.15
N ALA B 298 27.04 7.90 -14.86
CA ALA B 298 27.55 8.08 -13.49
C ALA B 298 26.44 8.40 -12.49
N ASN B 299 25.30 8.91 -12.98
CA ASN B 299 24.18 9.24 -12.12
C ASN B 299 22.97 8.31 -12.33
N GLU B 300 23.23 7.13 -12.89
CA GLU B 300 22.20 6.10 -13.06
C GLU B 300 22.46 4.88 -12.17
N VAL B 301 21.39 4.29 -11.67
CA VAL B 301 21.47 2.99 -11.00
C VAL B 301 20.38 2.09 -11.58
N ILE B 302 20.50 0.79 -11.36
CA ILE B 302 19.49 -0.16 -11.81
C ILE B 302 18.94 -0.91 -10.61
N ILE B 303 17.62 -1.05 -10.55
CA ILE B 303 16.97 -1.79 -9.48
C ILE B 303 16.21 -2.95 -10.12
N MET B 304 16.30 -4.13 -9.53
CA MET B 304 15.50 -5.26 -10.03
C MET B 304 14.66 -5.77 -8.88
N LYS B 305 13.34 -5.81 -9.08
CA LYS B 305 12.42 -6.26 -8.05
C LYS B 305 11.84 -7.62 -8.45
N GLY B 306 11.58 -8.47 -7.46
CA GLY B 306 10.88 -9.73 -7.67
C GLY B 306 11.74 -10.89 -8.11
N ILE B 307 13.04 -10.80 -7.84
CA ILE B 307 14.00 -11.78 -8.30
C ILE B 307 14.12 -12.96 -7.33
N LYS B 308 13.93 -14.17 -7.85
CA LYS B 308 14.04 -15.39 -7.04
C LYS B 308 15.35 -16.09 -7.31
N GLN B 309 15.75 -17.00 -6.42
CA GLN B 309 16.98 -17.77 -6.62
C GLN B 309 16.68 -19.24 -6.93
N TYR B 310 17.18 -19.73 -8.06
CA TYR B 310 16.76 -21.04 -8.55
C TYR B 310 17.82 -22.11 -8.37
N SER B 311 19.08 -21.71 -8.33
CA SER B 311 20.18 -22.62 -8.11
C SER B 311 20.95 -22.23 -6.87
N ASP B 312 21.62 -23.20 -6.27
CA ASP B 312 22.61 -22.94 -5.25
C ASP B 312 23.95 -23.06 -5.95
N TYR B 313 25.04 -22.81 -5.22
CA TYR B 313 26.37 -22.95 -5.80
C TYR B 313 27.43 -23.10 -4.73
N GLN B 314 28.63 -23.43 -5.16
CA GLN B 314 29.79 -23.42 -4.29
C GLN B 314 30.91 -22.82 -5.12
N GLY B 315 31.97 -22.37 -4.47
CA GLY B 315 33.11 -21.84 -5.20
C GLY B 315 32.88 -20.48 -5.83
N TYR B 316 33.83 -20.10 -6.69
CA TYR B 316 33.95 -18.75 -7.20
C TYR B 316 34.86 -18.79 -8.41
N SER B 317 34.57 -18.01 -9.45
CA SER B 317 35.36 -18.09 -10.69
C SER B 317 35.60 -19.55 -11.14
N ASN B 318 36.87 -19.91 -11.32
CA ASN B 318 37.23 -21.27 -11.77
C ASN B 318 36.64 -22.40 -10.93
N SER B 319 36.46 -22.16 -9.64
CA SER B 319 35.95 -23.22 -8.77
C SER B 319 34.42 -23.19 -8.64
N PHE B 320 33.78 -22.23 -9.28
CA PHE B 320 32.31 -22.16 -9.25
C PHE B 320 31.70 -23.46 -9.75
N ARG B 321 30.70 -23.96 -9.02
CA ARG B 321 29.97 -25.13 -9.43
C ARG B 321 28.50 -24.97 -9.08
N PHE B 322 27.65 -25.33 -10.02
CA PHE B 322 26.22 -25.42 -9.79
C PHE B 322 25.99 -26.43 -8.68
N VAL B 323 25.09 -26.10 -7.76
CA VAL B 323 24.63 -27.03 -6.73
C VAL B 323 23.11 -26.99 -6.71
N LYS B 324 22.47 -28.13 -6.93
CA LYS B 324 21.02 -28.19 -6.89
C LYS B 324 20.48 -27.69 -5.54
N MET B 325 19.45 -26.85 -5.60
CA MET B 325 18.79 -26.32 -4.40
C MET B 325 18.22 -27.47 -3.59
N GLY B 326 18.43 -27.45 -2.28
CA GLY B 326 17.93 -28.49 -1.40
C GLY B 326 16.59 -28.15 -0.76
N ASN B 327 16.29 -28.83 0.35
CA ASN B 327 14.99 -28.70 1.00
C ASN B 327 15.00 -27.99 2.35
N SER B 328 16.17 -27.53 2.78
CA SER B 328 16.24 -26.81 4.04
C SER B 328 15.30 -25.62 3.99
N LYS B 329 14.89 -25.15 5.17
CA LYS B 329 13.97 -24.02 5.25
C LYS B 329 14.55 -22.84 4.50
N ILE B 330 15.86 -22.66 4.61
CA ILE B 330 16.55 -21.52 4.02
C ILE B 330 16.64 -21.63 2.49
N GLN B 331 16.74 -22.85 1.99
CA GLN B 331 16.85 -23.08 0.55
C GLN B 331 15.49 -22.94 -0.13
N LYS B 332 14.44 -23.34 0.57
CA LYS B 332 13.09 -23.14 0.05
C LYS B 332 12.74 -21.65 0.02
N GLN B 333 13.18 -20.93 1.04
CA GLN B 333 13.00 -19.48 1.07
C GLN B 333 13.78 -18.76 -0.05
N LYS B 334 14.98 -19.23 -0.34
CA LYS B 334 15.71 -18.64 -1.47
C LYS B 334 14.95 -18.86 -2.78
N ARG B 335 14.36 -20.04 -2.92
CA ARG B 335 13.62 -20.35 -4.13
C ARG B 335 12.31 -19.58 -4.22
N ASN B 336 11.66 -19.36 -3.08
CA ASN B 336 10.29 -18.84 -3.07
C ASN B 336 10.09 -17.38 -2.73
N ASN B 337 11.07 -16.77 -2.07
CA ASN B 337 10.88 -15.39 -1.62
C ASN B 337 11.67 -14.42 -2.48
N PRO B 338 10.97 -13.57 -3.24
CA PRO B 338 11.64 -12.64 -4.16
C PRO B 338 12.42 -11.58 -3.42
N GLN B 339 13.49 -11.09 -4.04
CA GLN B 339 14.37 -10.11 -3.42
C GLN B 339 14.52 -8.91 -4.35
N THR B 340 14.92 -7.78 -3.78
CA THR B 340 15.18 -6.59 -4.56
C THR B 340 16.68 -6.34 -4.61
N ILE B 341 17.19 -6.15 -5.82
CA ILE B 341 18.62 -6.04 -6.05
C ILE B 341 18.97 -4.67 -6.60
N LEU B 342 20.03 -4.09 -6.05
CA LEU B 342 20.55 -2.81 -6.52
C LEU B 342 21.84 -3.05 -7.31
N ALA B 343 21.86 -2.64 -8.57
CA ALA B 343 23.05 -2.78 -9.39
C ALA B 343 23.74 -1.42 -9.51
N ILE B 344 24.94 -1.36 -8.94
CA ILE B 344 25.76 -0.16 -9.01
C ILE B 344 27.16 -0.55 -9.48
N ASP B 345 27.67 0.17 -10.47
CA ASP B 345 29.00 -0.11 -11.00
C ASP B 345 30.03 0.77 -10.33
N ALA B 346 31.00 0.17 -9.66
CA ALA B 346 32.12 0.93 -9.11
C ALA B 346 33.05 1.35 -10.25
N LEU B 347 33.96 2.27 -9.97
CA LEU B 347 34.99 2.62 -10.94
C LEU B 347 35.89 1.42 -11.20
N CYS B 348 36.24 1.19 -12.46
CA CYS B 348 37.22 0.16 -12.79
C CYS B 348 38.60 0.80 -12.74
N PHE B 349 39.36 0.52 -11.68
CA PHE B 349 40.67 1.13 -11.50
C PHE B 349 41.76 0.25 -12.11
N ASN B 350 42.85 0.86 -12.57
CA ASN B 350 44.10 0.13 -12.77
C ASN B 350 45.03 0.40 -11.60
N SER B 351 46.20 -0.22 -11.57
CA SER B 351 47.02 -0.22 -10.35
C SER B 351 47.69 1.11 -10.04
N SER B 352 47.75 2.01 -11.02
CA SER B 352 48.41 3.29 -10.80
C SER B 352 47.43 4.46 -10.54
N ASP B 353 46.12 4.21 -10.69
CA ASP B 353 45.11 5.25 -10.49
C ASP B 353 45.09 5.78 -9.06
N ASN B 354 44.88 7.08 -8.90
CA ASN B 354 44.72 7.68 -7.58
C ASN B 354 43.28 7.55 -7.10
N GLN B 355 43.03 6.51 -6.30
CA GLN B 355 41.66 6.22 -5.87
C GLN B 355 41.13 7.24 -4.87
N PHE B 356 42.06 7.95 -4.22
CA PHE B 356 41.73 8.94 -3.20
C PHE B 356 41.51 10.36 -3.75
N SER B 357 41.49 10.54 -5.06
CA SER B 357 41.27 11.88 -5.60
C SER B 357 39.89 12.40 -5.20
N GLU B 358 39.74 13.71 -5.09
CA GLU B 358 38.42 14.29 -4.81
C GLU B 358 37.44 13.88 -5.90
N VAL B 359 37.90 13.88 -7.13
CA VAL B 359 37.08 13.47 -8.27
C VAL B 359 36.63 12.02 -8.15
N ASN B 360 37.55 11.13 -7.80
CA ASN B 360 37.20 9.71 -7.76
C ASN B 360 36.38 9.34 -6.53
N VAL B 361 36.63 10.01 -5.41
CA VAL B 361 35.85 9.78 -4.19
C VAL B 361 34.42 10.31 -4.33
N SER B 362 34.28 11.51 -4.87
CA SER B 362 32.94 12.05 -5.07
C SER B 362 32.15 11.19 -6.07
N ARG B 363 32.83 10.69 -7.11
CA ARG B 363 32.20 9.81 -8.09
C ARG B 363 31.57 8.62 -7.38
N GLU B 364 32.34 7.99 -6.48
CA GLU B 364 31.86 6.79 -5.80
C GLU B 364 30.84 7.11 -4.71
N LEU B 365 30.99 8.26 -4.05
CA LEU B 365 29.99 8.71 -3.08
C LEU B 365 28.65 8.91 -3.78
N ASN B 366 28.67 9.58 -4.93
CA ASN B 366 27.44 9.76 -5.71
C ASN B 366 26.81 8.41 -6.08
N LYS B 367 27.59 7.53 -6.69
CA LYS B 367 27.04 6.28 -7.23
C LYS B 367 26.42 5.42 -6.12
N SER B 368 27.15 5.26 -5.01
CA SER B 368 26.67 4.44 -3.91
C SER B 368 25.48 5.08 -3.19
N TYR B 369 25.56 6.38 -2.92
CA TYR B 369 24.43 7.08 -2.28
C TYR B 369 23.19 7.05 -3.17
N MET B 370 23.38 7.32 -4.46
CA MET B 370 22.26 7.33 -5.41
C MET B 370 21.56 5.98 -5.49
N GLY B 371 22.31 4.91 -5.28
CA GLY B 371 21.74 3.57 -5.25
C GLY B 371 21.10 3.24 -3.91
N PHE B 372 21.85 3.47 -2.84
CA PHE B 372 21.43 3.12 -1.49
C PHE B 372 20.13 3.86 -1.09
N LYS B 373 19.99 5.08 -1.60
CA LYS B 373 18.80 5.92 -1.40
C LYS B 373 17.51 5.28 -1.91
N GLN B 374 17.65 4.42 -2.91
CA GLN B 374 16.48 3.80 -3.54
C GLN B 374 15.80 2.85 -2.57
N GLU B 375 14.53 2.54 -2.83
CA GLU B 375 13.80 1.57 -2.02
C GLU B 375 13.86 1.87 -0.53
N ASP B 376 13.21 2.96 -0.12
CA ASP B 376 13.38 3.42 1.26
C ASP B 376 12.68 2.54 2.29
N GLN B 377 11.96 1.51 1.84
CA GLN B 377 11.36 0.53 2.75
C GLN B 377 12.36 -0.59 3.07
N LEU B 378 13.45 -0.65 2.31
CA LEU B 378 14.52 -1.59 2.63
C LEU B 378 15.62 -0.81 3.35
N LYS B 379 15.52 -0.77 4.67
CA LYS B 379 16.35 0.11 5.49
C LYS B 379 17.72 -0.47 5.83
N THR B 380 17.95 -1.69 5.37
CA THR B 380 19.27 -2.31 5.48
C THR B 380 19.82 -2.68 4.10
N ILE B 381 21.04 -2.23 3.85
CA ILE B 381 21.81 -2.55 2.65
C ILE B 381 22.68 -3.77 2.92
N SER B 382 22.65 -4.72 2.00
CA SER B 382 23.55 -5.87 2.04
C SER B 382 24.62 -5.69 0.99
N THR B 383 25.87 -5.48 1.43
CA THR B 383 26.93 -5.22 0.48
C THR B 383 28.26 -5.79 0.98
N GLY B 384 29.37 -5.33 0.40
CA GLY B 384 30.66 -5.87 0.78
C GLY B 384 31.76 -5.22 -0.04
N LYS B 385 32.64 -6.04 -0.60
CA LYS B 385 33.84 -5.54 -1.26
C LYS B 385 33.57 -5.02 -2.68
N TRP B 386 32.59 -4.11 -2.76
CA TRP B 386 32.18 -3.49 -4.02
C TRP B 386 33.34 -2.79 -4.71
N GLY B 387 33.59 -3.17 -5.96
CA GLY B 387 34.65 -2.59 -6.77
C GLY B 387 36.06 -2.99 -6.35
N CYS B 388 36.16 -3.91 -5.39
CA CYS B 388 37.46 -4.24 -4.80
C CYS B 388 37.95 -5.64 -5.16
N GLY B 389 37.45 -6.16 -6.27
CA GLY B 389 37.92 -7.45 -6.78
C GLY B 389 38.46 -7.23 -8.18
N ALA B 390 37.64 -7.55 -9.18
CA ALA B 390 38.01 -7.30 -10.57
C ALA B 390 38.34 -5.83 -10.84
N PHE B 391 37.67 -4.91 -10.15
CA PHE B 391 37.87 -3.48 -10.42
C PHE B 391 39.01 -2.86 -9.61
N LEU B 392 39.69 -3.69 -8.82
CA LEU B 392 40.94 -3.31 -8.16
C LEU B 392 40.84 -2.21 -7.09
N GLY B 393 39.64 -1.93 -6.60
CA GLY B 393 39.47 -0.90 -5.59
C GLY B 393 40.12 -1.28 -4.28
N VAL B 394 40.59 -0.27 -3.55
CA VAL B 394 41.08 -0.50 -2.19
C VAL B 394 39.87 -0.56 -1.24
N PHE B 395 39.70 -1.67 -0.54
CA PHE B 395 38.47 -1.86 0.24
C PHE B 395 38.40 -0.98 1.47
N ASP B 396 39.54 -0.64 2.06
CA ASP B 396 39.53 0.28 3.19
C ASP B 396 38.72 1.52 2.80
N LEU B 397 39.00 2.05 1.63
CA LEU B 397 38.36 3.29 1.17
C LEU B 397 36.91 3.06 0.76
N LYS B 398 36.67 1.97 0.03
CA LYS B 398 35.32 1.65 -0.41
C LYS B 398 34.40 1.38 0.78
N PHE B 399 34.92 0.80 1.86
CA PHE B 399 34.09 0.66 3.05
C PHE B 399 33.71 2.04 3.59
N ALA B 400 34.70 2.93 3.69
CA ALA B 400 34.47 4.27 4.20
C ALA B 400 33.42 4.99 3.37
N ILE B 401 33.55 4.89 2.06
CA ILE B 401 32.62 5.54 1.14
C ILE B 401 31.21 4.97 1.25
N GLN B 402 31.11 3.65 1.31
CA GLN B 402 29.80 3.02 1.44
C GLN B 402 29.12 3.35 2.77
N TRP B 403 29.92 3.40 3.82
CA TRP B 403 29.41 3.73 5.15
C TRP B 403 28.86 5.16 5.15
N ILE B 404 29.60 6.06 4.52
CA ILE B 404 29.14 7.44 4.39
C ILE B 404 27.83 7.52 3.59
N ALA B 405 27.74 6.75 2.51
CA ALA B 405 26.54 6.77 1.70
C ALA B 405 25.33 6.14 2.41
N SER B 406 25.52 4.98 3.03
CA SER B 406 24.43 4.37 3.77
C SER B 406 23.97 5.28 4.92
N SER B 407 24.93 5.93 5.58
CA SER B 407 24.60 6.83 6.68
C SER B 407 23.74 7.98 6.18
N ARG B 408 24.11 8.55 5.04
CA ARG B 408 23.37 9.68 4.51
C ARG B 408 21.98 9.25 4.03
N SER B 409 21.82 8.00 3.63
CA SER B 409 20.49 7.55 3.20
C SER B 409 19.66 7.08 4.40
N ASN B 410 20.21 7.27 5.60
CA ASN B 410 19.56 6.87 6.84
C ASN B 410 19.30 5.36 6.91
N LYS B 411 20.25 4.57 6.41
CA LYS B 411 20.10 3.13 6.39
C LYS B 411 21.21 2.42 7.15
N LYS B 412 20.91 1.19 7.58
CA LYS B 412 21.91 0.32 8.16
C LYS B 412 22.62 -0.42 7.04
N MET B 413 23.79 -0.96 7.35
CA MET B 413 24.58 -1.65 6.34
C MET B 413 25.17 -2.94 6.88
N ILE B 414 24.99 -4.00 6.13
CA ILE B 414 25.70 -5.25 6.39
C ILE B 414 26.89 -5.33 5.46
N ILE B 415 28.08 -5.53 6.02
CA ILE B 415 29.30 -5.68 5.22
C ILE B 415 29.78 -7.12 5.28
N CYS B 416 29.77 -7.79 4.12
CA CYS B 416 30.38 -9.11 3.97
C CYS B 416 31.86 -8.97 3.63
N THR B 417 32.73 -9.63 4.38
CA THR B 417 34.16 -9.51 4.15
C THR B 417 34.73 -10.69 3.34
N PHE B 418 33.88 -11.65 3.00
CA PHE B 418 34.27 -12.74 2.12
C PHE B 418 35.47 -13.53 2.69
N GLN B 419 35.34 -13.96 3.94
CA GLN B 419 36.37 -14.78 4.60
C GLN B 419 37.71 -14.04 4.73
N ASP B 420 37.65 -12.79 5.17
CA ASP B 420 38.86 -12.00 5.37
C ASP B 420 38.84 -11.51 6.81
N GLU B 421 39.29 -12.41 7.70
CA GLU B 421 39.27 -12.17 9.15
C GLU B 421 40.00 -10.90 9.57
N GLN B 422 41.13 -10.62 8.94
CA GLN B 422 41.92 -9.44 9.27
C GLN B 422 41.14 -8.14 8.98
N THR B 423 40.49 -8.09 7.83
CA THR B 423 39.68 -6.92 7.49
C THR B 423 38.49 -6.81 8.44
N THR B 424 37.85 -7.93 8.72
CA THR B 424 36.72 -7.95 9.65
C THR B 424 37.09 -7.26 10.96
N LYS B 425 38.21 -7.65 11.54
CA LYS B 425 38.63 -7.10 12.82
C LYS B 425 38.91 -5.60 12.73
N GLN B 426 39.56 -5.17 11.66
CA GLN B 426 39.91 -3.77 11.51
C GLN B 426 38.65 -2.93 11.33
N ILE B 427 37.72 -3.39 10.50
CA ILE B 427 36.48 -2.64 10.30
C ILE B 427 35.65 -2.60 11.59
N GLN B 428 35.59 -3.70 12.31
CA GLN B 428 34.87 -3.72 13.59
C GLN B 428 35.43 -2.64 14.51
N GLN B 429 36.76 -2.49 14.49
CA GLN B 429 37.42 -1.49 15.33
C GLN B 429 37.12 -0.08 14.86
N VAL B 430 37.15 0.13 13.55
CA VAL B 430 36.83 1.43 12.97
C VAL B 430 35.37 1.77 13.28
N PHE B 431 34.48 0.80 13.12
CA PHE B 431 33.08 1.02 13.42
C PHE B 431 32.88 1.42 14.89
N ASP B 432 33.44 0.63 15.80
CA ASP B 432 33.40 0.95 17.22
C ASP B 432 33.91 2.36 17.53
N LEU B 433 35.00 2.75 16.88
CA LEU B 433 35.61 4.06 17.10
C LEU B 433 34.81 5.24 16.53
N TYR B 434 34.15 5.06 15.39
CA TYR B 434 33.53 6.18 14.68
C TYR B 434 32.02 6.17 14.59
N LYS B 435 31.36 5.12 15.06
CA LYS B 435 29.91 5.08 14.95
C LYS B 435 29.29 6.31 15.61
N GLN B 436 28.28 6.86 14.95
CA GLN B 436 27.56 8.03 15.45
C GLN B 436 28.38 9.31 15.49
N LYS B 437 29.60 9.29 14.96
CA LYS B 437 30.36 10.53 14.85
C LYS B 437 29.98 11.23 13.56
N ASN B 438 30.53 12.41 13.35
CA ASN B 438 30.10 13.23 12.21
C ASN B 438 30.69 12.79 10.87
N ALA B 439 29.83 12.65 9.86
CA ALA B 439 30.23 12.08 8.57
C ALA B 439 31.13 13.01 7.75
N SER B 440 30.97 14.32 7.92
CA SER B 440 31.82 15.24 7.19
C SER B 440 33.23 15.17 7.77
N ILE B 441 33.33 15.22 9.09
CA ILE B 441 34.63 15.12 9.74
C ILE B 441 35.33 13.82 9.35
N PHE B 442 34.59 12.72 9.33
CA PHE B 442 35.11 11.42 8.93
C PHE B 442 35.63 11.42 7.49
N LEU B 443 34.80 11.89 6.55
CA LEU B 443 35.25 12.01 5.17
C LEU B 443 36.57 12.78 5.10
N LYS B 444 36.61 13.95 5.72
CA LYS B 444 37.84 14.74 5.69
C LYS B 444 39.05 13.99 6.26
N LEU B 445 38.82 13.19 7.31
CA LEU B 445 39.92 12.44 7.91
C LEU B 445 40.46 11.42 6.90
N VAL B 446 39.55 10.69 6.29
CA VAL B 446 39.93 9.71 5.27
C VAL B 446 40.72 10.38 4.16
N MET B 447 40.29 11.56 3.74
CA MET B 447 40.91 12.25 2.62
C MET B 447 42.29 12.83 2.95
N ASP B 448 42.60 12.99 4.23
CA ASP B 448 43.94 13.41 4.67
C ASP B 448 44.94 12.25 4.70
N TYR B 449 44.44 11.01 4.66
CA TYR B 449 45.31 9.84 4.80
C TYR B 449 46.51 9.79 3.82
N PRO B 450 46.26 9.93 2.52
CA PRO B 450 47.34 9.76 1.56
C PRO B 450 48.57 10.63 1.86
N ASN B 451 48.35 11.86 2.29
CA ASN B 451 49.45 12.78 2.54
C ASN B 451 49.92 12.81 4.00
N SER B 452 49.32 11.98 4.82
CA SER B 452 49.67 11.95 6.23
C SER B 452 50.98 11.21 6.44
N LYS B 453 51.55 11.36 7.64
CA LYS B 453 52.79 10.68 7.96
C LYS B 453 52.54 9.18 8.13
N TYR B 454 51.28 8.79 8.15
CA TYR B 454 50.91 7.40 8.38
C TYR B 454 50.87 6.57 7.11
N MET B 455 50.88 7.24 5.96
CA MET B 455 50.69 6.57 4.68
C MET B 455 51.61 5.37 4.51
N GLU B 456 52.91 5.55 4.76
CA GLU B 456 53.91 4.52 4.48
C GLU B 456 53.73 3.22 5.27
N ASP B 457 53.41 3.33 6.55
CA ASP B 457 53.41 2.18 7.44
C ASP B 457 52.02 1.78 7.95
N TYR B 458 51.00 2.48 7.48
CA TYR B 458 49.64 2.22 7.92
C TYR B 458 48.71 2.16 6.71
N THR B 459 47.84 1.17 6.67
CA THR B 459 46.74 1.19 5.71
C THR B 459 45.73 2.22 6.18
N LEU B 460 44.73 2.53 5.35
CA LEU B 460 43.71 3.49 5.74
C LEU B 460 43.02 3.07 7.05
N LEU B 461 42.60 1.81 7.16
CA LEU B 461 41.91 1.38 8.36
C LEU B 461 42.78 1.47 9.61
N GLU B 462 44.06 1.10 9.47
CA GLU B 462 44.99 1.18 10.61
C GLU B 462 45.17 2.62 11.07
N TYR B 463 45.30 3.53 10.11
CA TYR B 463 45.39 4.97 10.35
C TYR B 463 44.17 5.50 11.10
N LEU B 464 42.97 5.16 10.63
CA LEU B 464 41.75 5.57 11.30
C LEU B 464 41.70 5.01 12.72
N ILE B 465 42.18 3.79 12.89
CA ILE B 465 42.21 3.18 14.21
C ILE B 465 43.20 3.93 15.11
N GLU B 466 44.36 4.25 14.56
CA GLU B 466 45.39 4.98 15.31
C GLU B 466 44.87 6.33 15.82
N LEU B 467 44.35 7.13 14.90
CA LEU B 467 43.82 8.44 15.22
C LEU B 467 42.68 8.37 16.22
N GLY B 468 41.80 7.41 16.02
CA GLY B 468 40.69 7.20 16.90
C GLY B 468 41.10 6.84 18.31
N LYS B 469 42.09 6.01 18.46
CA LYS B 469 42.56 5.70 19.79
C LYS B 469 43.11 6.91 20.52
N GLU B 470 43.93 7.72 19.87
CA GLU B 470 44.45 8.87 20.54
C GLU B 470 43.44 10.00 20.69
N LYS B 471 42.30 9.93 20.04
CA LYS B 471 41.26 10.87 20.37
C LYS B 471 40.65 10.19 21.60
N ALA B 472 41.28 10.40 22.74
CA ALA B 472 40.99 9.66 23.96
C ALA B 472 42.27 9.32 24.73
N1 APR C . -32.78 16.55 12.38
C2 APR C . -33.96 16.26 12.92
N3 APR C . -34.86 15.40 12.37
C4 APR C . -34.48 14.82 11.16
C5 APR C . -33.16 15.17 10.57
C6 APR C . -32.36 16.05 11.26
N6 APR C . -31.09 16.41 10.74
N7 APR C . -33.09 14.41 9.32
C8 APR C . -34.16 13.75 9.23
N9 APR C . -35.07 13.90 10.21
C1' APR C . -36.37 13.25 10.37
C2' APR C . -37.10 12.94 9.10
O2' APR C . -38.43 13.12 9.36
C3' APR C . -36.82 11.51 8.85
O3' APR C . -37.74 10.90 8.02
O4' APR C . -36.15 12.01 10.99
C4' APR C . -36.72 10.97 10.24
C5' APR C . -36.00 9.64 10.34
O5' APR C . -34.79 9.68 9.65
PA APR C . -34.20 8.32 9.11
O1A APR C . -35.16 7.75 8.06
O2A APR C . -32.83 8.59 8.55
O3A APR C . -34.11 7.42 10.42
PB APR C . -34.54 5.89 10.60
O1B APR C . -34.15 5.57 12.03
O2B APR C . -36.01 5.70 10.33
O5D APR C . -33.74 4.96 9.61
C5D APR C . -32.48 4.48 9.96
O4D APR C . -31.59 5.03 7.77
O1D APR C . -29.68 4.78 6.47
C1D APR C . -30.19 5.29 7.66
O2D APR C . -28.16 4.38 8.49
C2D APR C . -29.47 4.71 8.82
O3D APR C . -29.98 2.48 8.24
C3D APR C . -30.33 3.52 9.06
C4D APR C . -31.71 4.01 8.72
N1 APR D . 28.63 -11.80 -1.51
C2 APR D . 29.42 -10.98 -0.80
N3 APR D . 30.70 -10.66 -1.16
C4 APR D . 31.15 -11.23 -2.34
C5 APR D . 30.26 -12.14 -3.11
C6 APR D . 29.00 -12.38 -2.60
N6 APR D . 28.11 -13.26 -3.30
N7 APR D . 31.03 -12.57 -4.26
C8 APR D . 32.14 -12.00 -4.18
N9 APR D . 32.39 -11.19 -3.12
C1' APR D . 33.55 -10.41 -2.79
C2' APR D . 34.88 -10.96 -3.18
O2' APR D . 35.76 -10.63 -2.18
C3' APR D . 35.20 -10.26 -4.45
O3' APR D . 36.56 -10.25 -4.70
O4' APR D . 33.44 -9.17 -3.45
C4' APR D . 34.59 -8.91 -4.19
C5' APR D . 34.30 -8.11 -5.44
O5' APR D . 33.63 -8.89 -6.39
PA APR D . 33.79 -8.48 -7.91
O1A APR D . 35.24 -8.68 -8.32
O2A APR D . 32.86 -9.34 -8.72
O3A APR D . 33.36 -6.94 -7.96
PB APR D . 34.08 -5.70 -8.68
O1B APR D . 33.18 -4.50 -8.42
O2B APR D . 35.48 -5.51 -8.19
O5D APR D . 34.16 -5.95 -10.24
C5D APR D . 33.01 -5.78 -11.03
O4D APR D . 33.31 -7.84 -12.28
O1D APR D . 32.42 -9.05 -14.03
C1D APR D . 32.13 -8.34 -12.87
O2D APR D . 30.37 -7.51 -14.26
C2D APR D . 31.18 -7.23 -13.16
O3D APR D . 32.67 -6.20 -14.65
C3D APR D . 32.15 -6.15 -13.39
C4D APR D . 33.23 -6.44 -12.39
#